data_282D
# 
_entry.id   282D 
# 
_audit_conform.dict_name       mmcif_pdbx.dic 
_audit_conform.dict_version    5.389 
_audit_conform.dict_location   http://mmcif.pdb.org/dictionaries/ascii/mmcif_pdbx.dic 
# 
loop_
_database_2.database_id 
_database_2.database_code 
_database_2.pdbx_database_accession 
_database_2.pdbx_DOI 
PDB   282D         pdb_0000282d 10.2210/pdb282d/pdb 
RCSB  DDF069       ?            ?                   
WWPDB D_1000177694 ?            ?                   
# 
loop_
_pdbx_audit_revision_history.ordinal 
_pdbx_audit_revision_history.data_content_type 
_pdbx_audit_revision_history.major_revision 
_pdbx_audit_revision_history.minor_revision 
_pdbx_audit_revision_history.revision_date 
1 'Structure model' 1 0 1996-10-23 
2 'Structure model' 1 1 2008-05-22 
3 'Structure model' 1 2 2011-07-13 
4 'Structure model' 1 3 2024-02-14 
5 'Structure model' 1 4 2024-04-03 
# 
_pdbx_audit_revision_details.ordinal             1 
_pdbx_audit_revision_details.revision_ordinal    1 
_pdbx_audit_revision_details.data_content_type   'Structure model' 
_pdbx_audit_revision_details.provider            repository 
_pdbx_audit_revision_details.type                'Initial release' 
_pdbx_audit_revision_details.description         ? 
_pdbx_audit_revision_details.details             ? 
# 
loop_
_pdbx_audit_revision_group.ordinal 
_pdbx_audit_revision_group.revision_ordinal 
_pdbx_audit_revision_group.data_content_type 
_pdbx_audit_revision_group.group 
1 2 'Structure model' 'Version format compliance' 
2 3 'Structure model' 'Version format compliance' 
3 4 'Structure model' 'Data collection'           
4 4 'Structure model' 'Database references'       
5 4 'Structure model' 'Derived calculations'      
6 5 'Structure model' 'Refinement description'    
# 
loop_
_pdbx_audit_revision_category.ordinal 
_pdbx_audit_revision_category.revision_ordinal 
_pdbx_audit_revision_category.data_content_type 
_pdbx_audit_revision_category.category 
1 4 'Structure model' chem_comp_atom                
2 4 'Structure model' chem_comp_bond                
3 4 'Structure model' database_2                    
4 4 'Structure model' struct_site                   
5 5 'Structure model' pdbx_initial_refinement_model 
# 
loop_
_pdbx_audit_revision_item.ordinal 
_pdbx_audit_revision_item.revision_ordinal 
_pdbx_audit_revision_item.data_content_type 
_pdbx_audit_revision_item.item 
1 4 'Structure model' '_database_2.pdbx_DOI'                
2 4 'Structure model' '_database_2.pdbx_database_accession' 
3 4 'Structure model' '_struct_site.pdbx_auth_asym_id'      
4 4 'Structure model' '_struct_site.pdbx_auth_comp_id'      
5 4 'Structure model' '_struct_site.pdbx_auth_seq_id'       
# 
_pdbx_database_status.status_code                     REL 
_pdbx_database_status.entry_id                        282D 
_pdbx_database_status.recvd_initial_deposition_date   1996-08-26 
_pdbx_database_status.deposit_site                    NDB 
_pdbx_database_status.process_site                    NDB 
_pdbx_database_status.SG_entry                        . 
_pdbx_database_status.pdb_format_compatible           Y 
_pdbx_database_status.status_code_mr                  ? 
_pdbx_database_status.status_code_sf                  ? 
_pdbx_database_status.status_code_cs                  ? 
_pdbx_database_status.status_code_nmr_data            ? 
_pdbx_database_status.methods_development_category    ? 
# 
loop_
_audit_author.name 
_audit_author.pdbx_ordinal 
'Cruse, W.'      1 
'Saludjian, P.'  2 
'Leroux, Y.'     3 
'Leger, Y.'      4 
'El Manouni, D.' 5 
'Prange, T.'     6 
# 
_citation.id                        primary 
_citation.title                     
'A continuous transition from A-DNA to B-DNA in the 1:1 complex between nogalamycin and the hexamer dCCCGGG.' 
_citation.journal_abbrev            J.Biol.Chem. 
_citation.journal_volume            271 
_citation.page_first                15558 
_citation.page_last                 15567 
_citation.year                      1996 
_citation.journal_id_ASTM           JBCHA3 
_citation.country                   US 
_citation.journal_id_ISSN           0021-9258 
_citation.journal_id_CSD            0071 
_citation.book_publisher            ? 
_citation.pdbx_database_id_PubMed   8662899 
_citation.pdbx_database_id_DOI      10.1074/jbc.271.26.15558 
# 
loop_
_citation_author.citation_id 
_citation_author.name 
_citation_author.ordinal 
_citation_author.identifier_ORCID 
primary 'Cruse, W.B.'   1 ? 
primary 'Saludjian, P.' 2 ? 
primary 'Leroux, Y.'    3 ? 
primary 'Leger, G.'     4 ? 
primary 'Manouni, D.E.' 5 ? 
primary 'Prange, T.'    6 ? 
# 
loop_
_entity.id 
_entity.type 
_entity.src_method 
_entity.pdbx_description 
_entity.formula_weight 
_entity.pdbx_number_of_molecules 
_entity.pdbx_ec 
_entity.pdbx_mutation 
_entity.pdbx_fragment 
_entity.details 
1 polymer     syn 
;DNA (5'-D(*CP*CP*CP*GP*GP*G)-3')
;
1810.205 2  ? ? ? ? 
2 non-polymer syn NOGALAMYCIN                        787.803  1  ? ? ? ? 
3 water       nat water                              18.015   47 ? ? ? ? 
# 
_entity_poly.entity_id                      1 
_entity_poly.type                           polydeoxyribonucleotide 
_entity_poly.nstd_linkage                   no 
_entity_poly.nstd_monomer                   no 
_entity_poly.pdbx_seq_one_letter_code       '(DC)(DC)(DC)(DG)(DG)(DG)' 
_entity_poly.pdbx_seq_one_letter_code_can   CCCGGG 
_entity_poly.pdbx_strand_id                 A,B 
_entity_poly.pdbx_target_identifier         ? 
# 
loop_
_pdbx_entity_nonpoly.entity_id 
_pdbx_entity_nonpoly.name 
_pdbx_entity_nonpoly.comp_id 
2 NOGALAMYCIN NGM 
3 water       HOH 
# 
loop_
_entity_poly_seq.entity_id 
_entity_poly_seq.num 
_entity_poly_seq.mon_id 
_entity_poly_seq.hetero 
1 1 DC n 
1 2 DC n 
1 3 DC n 
1 4 DG n 
1 5 DG n 
1 6 DG n 
# 
loop_
_chem_comp.id 
_chem_comp.type 
_chem_comp.mon_nstd_flag 
_chem_comp.name 
_chem_comp.pdbx_synonyms 
_chem_comp.formula 
_chem_comp.formula_weight 
DC  'DNA linking' y "2'-DEOXYCYTIDINE-5'-MONOPHOSPHATE"  ? 'C9 H14 N3 O7 P'  307.197 
DG  'DNA linking' y "2'-DEOXYGUANOSINE-5'-MONOPHOSPHATE" ? 'C10 H14 N5 O7 P' 347.221 
HOH non-polymer   . WATER                                ? 'H2 O'            18.015  
NGM non-polymer   . NOGALAMYCIN                          ? 'C39 H49 N O16'   787.803 
# 
loop_
_pdbx_poly_seq_scheme.asym_id 
_pdbx_poly_seq_scheme.entity_id 
_pdbx_poly_seq_scheme.seq_id 
_pdbx_poly_seq_scheme.mon_id 
_pdbx_poly_seq_scheme.ndb_seq_num 
_pdbx_poly_seq_scheme.pdb_seq_num 
_pdbx_poly_seq_scheme.auth_seq_num 
_pdbx_poly_seq_scheme.pdb_mon_id 
_pdbx_poly_seq_scheme.auth_mon_id 
_pdbx_poly_seq_scheme.pdb_strand_id 
_pdbx_poly_seq_scheme.pdb_ins_code 
_pdbx_poly_seq_scheme.hetero 
A 1 1 DC 1 1  1  DC C A . n 
A 1 2 DC 2 2  2  DC C A . n 
A 1 3 DC 3 3  3  DC C A . n 
A 1 4 DG 4 4  4  DG G A . n 
A 1 5 DG 5 5  5  DG G A . n 
A 1 6 DG 6 6  6  DG G A . n 
B 1 1 DC 1 7  7  DC C B . n 
B 1 2 DC 2 8  8  DC C B . n 
B 1 3 DC 3 9  9  DC C B . n 
B 1 4 DG 4 10 10 DG G B . n 
B 1 5 DG 5 11 11 DG G B . n 
B 1 6 DG 6 12 12 DG G B . n 
# 
loop_
_pdbx_nonpoly_scheme.asym_id 
_pdbx_nonpoly_scheme.entity_id 
_pdbx_nonpoly_scheme.mon_id 
_pdbx_nonpoly_scheme.ndb_seq_num 
_pdbx_nonpoly_scheme.pdb_seq_num 
_pdbx_nonpoly_scheme.auth_seq_num 
_pdbx_nonpoly_scheme.pdb_mon_id 
_pdbx_nonpoly_scheme.auth_mon_id 
_pdbx_nonpoly_scheme.pdb_strand_id 
_pdbx_nonpoly_scheme.pdb_ins_code 
C 2 NGM 1  13 13 NGM NGM A . 
D 3 HOH 1  14 14 HOH HOH A . 
D 3 HOH 2  17 17 HOH HOH A . 
D 3 HOH 3  20 20 HOH HOH A . 
D 3 HOH 4  21 21 HOH HOH A . 
D 3 HOH 5  22 22 HOH HOH A . 
D 3 HOH 6  23 23 HOH HOH A . 
D 3 HOH 7  24 24 HOH HOH A . 
D 3 HOH 8  26 26 HOH HOH A . 
D 3 HOH 9  30 30 HOH HOH A . 
D 3 HOH 10 31 31 HOH HOH A . 
D 3 HOH 11 33 33 HOH HOH A . 
D 3 HOH 12 34 34 HOH HOH A . 
D 3 HOH 13 38 38 HOH HOH A . 
D 3 HOH 14 39 39 HOH HOH A . 
D 3 HOH 15 40 40 HOH HOH A . 
D 3 HOH 16 41 41 HOH HOH A . 
D 3 HOH 17 44 44 HOH HOH A . 
D 3 HOH 18 45 45 HOH HOH A . 
D 3 HOH 19 48 48 HOH HOH A . 
D 3 HOH 20 49 49 HOH HOH A . 
D 3 HOH 21 50 50 HOH HOH A . 
D 3 HOH 22 51 51 HOH HOH A . 
D 3 HOH 23 52 52 HOH HOH A . 
D 3 HOH 24 53 53 HOH HOH A . 
D 3 HOH 25 54 54 HOH HOH A . 
D 3 HOH 26 55 55 HOH HOH A . 
D 3 HOH 27 56 56 HOH HOH A . 
D 3 HOH 28 59 59 HOH HOH A . 
E 3 HOH 1  15 15 HOH HOH B . 
E 3 HOH 2  16 16 HOH HOH B . 
E 3 HOH 3  18 18 HOH HOH B . 
E 3 HOH 4  19 19 HOH HOH B . 
E 3 HOH 5  25 25 HOH HOH B . 
E 3 HOH 6  27 27 HOH HOH B . 
E 3 HOH 7  28 28 HOH HOH B . 
E 3 HOH 8  29 29 HOH HOH B . 
E 3 HOH 9  32 32 HOH HOH B . 
E 3 HOH 10 35 35 HOH HOH B . 
E 3 HOH 11 36 36 HOH HOH B . 
E 3 HOH 12 37 37 HOH HOH B . 
E 3 HOH 13 42 42 HOH HOH B . 
E 3 HOH 14 43 43 HOH HOH B . 
E 3 HOH 15 46 46 HOH HOH B . 
E 3 HOH 16 47 47 HOH HOH B . 
E 3 HOH 17 57 57 HOH HOH B . 
E 3 HOH 18 58 58 HOH HOH B . 
E 3 HOH 19 60 60 HOH HOH B . 
# 
loop_
_software.name 
_software.classification 
_software.version 
_software.citation_id 
_software.pdbx_ordinal 
AMoRE  phasing          . ? 1 
NUCLSQ refinement       . ? 2 
MOSFLM 'data reduction' . ? 3 
CCP4   'data reduction' . ? 4 
SCALF  'data scaling'   . ? 5 
# 
_cell.entry_id           282D 
_cell.length_a           45.845 
_cell.length_b           45.845 
_cell.length_c           58.075 
_cell.angle_alpha        90.00 
_cell.angle_beta         90.00 
_cell.angle_gamma        90.00 
_cell.Z_PDB              16 
_cell.pdbx_unique_axis   ? 
# 
_symmetry.entry_id                         282D 
_symmetry.space_group_name_H-M             'P 43 21 2' 
_symmetry.pdbx_full_space_group_name_H-M   ? 
_symmetry.cell_setting                     ? 
_symmetry.Int_Tables_number                96 
# 
_exptl.entry_id          282D 
_exptl.method            'X-RAY DIFFRACTION' 
_exptl.crystals_number   2 
# 
_exptl_crystal.id                    1 
_exptl_crystal.density_meas          ? 
_exptl_crystal.density_Matthews      3.10 
_exptl_crystal.density_percent_sol   55.0000 
_exptl_crystal.description           ? 
# 
_exptl_crystal_grow.crystal_id      1 
_exptl_crystal_grow.method          'VAPOR DIFFUSION, SITTING DROP' 
_exptl_crystal_grow.temp            277.00 
_exptl_crystal_grow.temp_details    ? 
_exptl_crystal_grow.pH              6.50 
_exptl_crystal_grow.pdbx_details    'pH 6.50, VAPOR DIFFUSION, SITTING DROP, temperature 277.00K' 
_exptl_crystal_grow.pdbx_pH_range   ? 
# 
loop_
_exptl_crystal_grow_comp.crystal_id 
_exptl_crystal_grow_comp.id 
_exptl_crystal_grow_comp.sol_id 
_exptl_crystal_grow_comp.name 
_exptl_crystal_grow_comp.volume 
_exptl_crystal_grow_comp.conc 
_exptl_crystal_grow_comp.details 
1 1 1 WATER    ? ? ? 
1 2 1 MPD      ? ? ? 
1 3 1 MGCL2    ? ? ? 
1 4 1 SPERMINE ? ? ? 
1 5 2 WATER    ? ? ? 
1 6 2 MPD      ? ? ? 
# 
_diffrn.id                     1 
_diffrn.ambient_temp           277.00 
_diffrn.ambient_temp_details   ? 
_diffrn.crystal_id             1 
# 
_diffrn_detector.diffrn_id              1 
_diffrn_detector.detector               'IMAGE PLATE' 
_diffrn_detector.type                   MARRESEARCH 
_diffrn_detector.pdbx_collection_date   1994-01-01 
_diffrn_detector.details                'MULTILAYER MIRROR' 
# 
_diffrn_radiation.diffrn_id                        1 
_diffrn_radiation.wavelength_id                    1 
_diffrn_radiation.pdbx_monochromatic_or_laue_m_l   M 
_diffrn_radiation.monochromator                    'SI(III)' 
_diffrn_radiation.pdbx_diffrn_protocol             ? 
_diffrn_radiation.pdbx_scattering_type             x-ray 
# 
_diffrn_radiation_wavelength.id           1 
_diffrn_radiation_wavelength.wavelength   . 
_diffrn_radiation_wavelength.wt           1.0 
# 
_diffrn_source.diffrn_id                   1 
_diffrn_source.source                      SYNCHROTRON 
_diffrn_source.type                        'LURE BEAMLINE DW32' 
_diffrn_source.pdbx_synchrotron_site       LURE 
_diffrn_source.pdbx_synchrotron_beamline   DW32 
_diffrn_source.pdbx_wavelength             ? 
_diffrn_source.pdbx_wavelength_list        ? 
# 
_reflns.entry_id                     282D 
_reflns.observed_criterion_sigma_I   2.000 
_reflns.observed_criterion_sigma_F   ? 
_reflns.d_resolution_low             25.000 
_reflns.d_resolution_high            2.400 
_reflns.number_obs                   2492 
_reflns.number_all                   ? 
_reflns.percent_possible_obs         80.000 
_reflns.pdbx_Rmerge_I_obs            0.0520000 
_reflns.pdbx_Rsym_value              0.0720000 
_reflns.pdbx_netI_over_sigmaI        19.000 
_reflns.B_iso_Wilson_estimate        ? 
_reflns.pdbx_redundancy              4.200 
_reflns.pdbx_diffrn_id               1 
_reflns.pdbx_ordinal                 1 
# 
_reflns_shell.d_res_high             2.300 
_reflns_shell.d_res_low              2.500 
_reflns_shell.percent_possible_all   45.00 
_reflns_shell.Rmerge_I_obs           ? 
_reflns_shell.pdbx_Rsym_value        0.1800000 
_reflns_shell.meanI_over_sigI_obs    3.000 
_reflns_shell.pdbx_redundancy        2.500 
_reflns_shell.pdbx_diffrn_id         ? 
_reflns_shell.pdbx_ordinal           1 
# 
_refine.entry_id                                 282D 
_refine.ls_number_reflns_obs                     2365 
_refine.ls_number_reflns_all                     ? 
_refine.pdbx_ls_sigma_I                          ? 
_refine.pdbx_ls_sigma_F                          2.000 
_refine.pdbx_data_cutoff_high_absF               ? 
_refine.pdbx_data_cutoff_low_absF                ? 
_refine.pdbx_data_cutoff_high_rms_absF           ? 
_refine.ls_d_res_low                             18.000 
_refine.ls_d_res_high                            2.400 
_refine.ls_percent_reflns_obs                    92.000 
_refine.ls_R_factor_obs                          0.1830000 
_refine.ls_R_factor_all                          ? 
_refine.ls_R_factor_R_work                       ? 
_refine.ls_R_factor_R_free                       ? 
_refine.ls_R_factor_R_free_error                 ? 
_refine.ls_R_factor_R_free_error_details         ? 
_refine.ls_percent_reflns_R_free                 ? 
_refine.ls_number_reflns_R_free                  ? 
_refine.ls_number_parameters                     ? 
_refine.ls_number_restraints                     ? 
_refine.occupancy_min                            ? 
_refine.occupancy_max                            ? 
_refine.B_iso_mean                               25.70 
_refine.aniso_B[1][1]                            ? 
_refine.aniso_B[2][2]                            ? 
_refine.aniso_B[3][3]                            ? 
_refine.aniso_B[1][2]                            ? 
_refine.aniso_B[1][3]                            ? 
_refine.aniso_B[2][3]                            ? 
_refine.solvent_model_details                    ? 
_refine.solvent_model_param_ksol                 ? 
_refine.solvent_model_param_bsol                 ? 
_refine.pdbx_ls_cross_valid_method               ? 
_refine.details                                  ? 
_refine.pdbx_starting_model                      'PARTS FROM DIFFERENT SOURCES: E.G. DDF001, DDF019' 
_refine.pdbx_method_to_determine_struct          'MOLECULAR REPLACEMENT' 
_refine.pdbx_isotropic_thermal_model             ? 
_refine.pdbx_stereochemistry_target_values       ? 
_refine.pdbx_stereochem_target_val_spec_case     ? 
_refine.pdbx_R_Free_selection_details            ? 
_refine.pdbx_overall_ESU_R                       ? 
_refine.pdbx_overall_ESU_R_Free                  ? 
_refine.overall_SU_ML                            ? 
_refine.overall_SU_B                             ? 
_refine.pdbx_refine_id                           'X-RAY DIFFRACTION' 
_refine.pdbx_diffrn_id                           1 
_refine.pdbx_TLS_residual_ADP_flag               ? 
_refine.correlation_coeff_Fo_to_Fc               ? 
_refine.correlation_coeff_Fo_to_Fc_free          ? 
_refine.pdbx_solvent_vdw_probe_radii             ? 
_refine.pdbx_solvent_ion_probe_radii             ? 
_refine.pdbx_solvent_shrinkage_radii             ? 
_refine.pdbx_overall_phase_error                 ? 
_refine.overall_SU_R_Cruickshank_DPI             ? 
_refine.pdbx_overall_SU_R_free_Cruickshank_DPI   ? 
_refine.pdbx_overall_SU_R_Blow_DPI               ? 
_refine.pdbx_overall_SU_R_free_Blow_DPI          ? 
# 
_refine_hist.pdbx_refine_id                   'X-RAY DIFFRACTION' 
_refine_hist.cycle_id                         LAST 
_refine_hist.pdbx_number_atoms_protein        0 
_refine_hist.pdbx_number_atoms_nucleic_acid   240 
_refine_hist.pdbx_number_atoms_ligand         56 
_refine_hist.number_atoms_solvent             47 
_refine_hist.number_atoms_total               343 
_refine_hist.d_res_high                       2.400 
_refine_hist.d_res_low                        18.000 
# 
loop_
_refine_ls_restr.type 
_refine_ls_restr.dev_ideal 
_refine_ls_restr.dev_ideal_target 
_refine_ls_restr.weight 
_refine_ls_restr.number 
_refine_ls_restr.pdbx_refine_id 
_refine_ls_restr.pdbx_restraint_function 
n_bond_d               0.011 ? ? ? 'X-RAY DIFFRACTION' ? 
n_angle_d              0.023 ? ? ? 'X-RAY DIFFRACTION' ? 
n_planar_d             ?     ? ? ? 'X-RAY DIFFRACTION' ? 
n_hb_or_metal_coord    ?     ? ? ? 'X-RAY DIFFRACTION' ? 
n_sugar_bond_it        ?     ? ? ? 'X-RAY DIFFRACTION' ? 
n_sugar_angle_it       ?     ? ? ? 'X-RAY DIFFRACTION' ? 
n_phos_bond_it         ?     ? ? ? 'X-RAY DIFFRACTION' ? 
n_phos_angle_it        ?     ? ? ? 'X-RAY DIFFRACTION' ? 
n_bond_angle_restr     ?     ? ? ? 'X-RAY DIFFRACTION' ? 
n_dihedral_angle_restr ?     ? ? ? 'X-RAY DIFFRACTION' ? 
n_impr_tor             ?     ? ? ? 'X-RAY DIFFRACTION' ? 
n_sugar_bond_d         ?     ? ? ? 'X-RAY DIFFRACTION' ? 
n_sugar_bond_angle_d   ?     ? ? ? 'X-RAY DIFFRACTION' ? 
n_phos_bond_d          0.011 ? ? ? 'X-RAY DIFFRACTION' ? 
n_phos_bond_angle_d    0.033 ? ? ? 'X-RAY DIFFRACTION' ? 
n_plane_restr          0.036 ? ? ? 'X-RAY DIFFRACTION' ? 
n_chiral_restr         0.170 ? ? ? 'X-RAY DIFFRACTION' ? 
n_singtor_nbd          0.080 ? ? ? 'X-RAY DIFFRACTION' ? 
n_multtor_nbd          0.230 ? ? ? 'X-RAY DIFFRACTION' ? 
n_xhyhbond_nbd         0.180 ? ? ? 'X-RAY DIFFRACTION' ? 
# 
_struct.entry_id                  282D 
_struct.title                     
'A CONTINOUS TRANSITION FROM A-DNA TO B-DNA IN THE 1:1 COMPLEX BETWEEN NOGALAMYCIN AND THE HEXAMER DCCCGGG' 
_struct.pdbx_model_details        ? 
_struct.pdbx_CASP_flag            ? 
_struct.pdbx_model_type_details   ? 
# 
_struct_keywords.entry_id        282D 
_struct_keywords.pdbx_keywords   DNA 
_struct_keywords.text            'RIGHT HANDED DNA, DOUBLE HELIX, COMPLEXED WITH DRUG, DNA' 
# 
loop_
_struct_asym.id 
_struct_asym.pdbx_blank_PDB_chainid_flag 
_struct_asym.pdbx_modified 
_struct_asym.entity_id 
_struct_asym.details 
A N N 1 ? 
B N N 1 ? 
C N N 2 ? 
D N N 3 ? 
E N N 3 ? 
# 
_struct_ref.id                         1 
_struct_ref.entity_id                  1 
_struct_ref.db_name                    PDB 
_struct_ref.db_code                    282D 
_struct_ref.pdbx_db_accession          282D 
_struct_ref.pdbx_db_isoform            ? 
_struct_ref.pdbx_seq_one_letter_code   ? 
_struct_ref.pdbx_align_begin           ? 
# 
loop_
_struct_ref_seq.align_id 
_struct_ref_seq.ref_id 
_struct_ref_seq.pdbx_PDB_id_code 
_struct_ref_seq.pdbx_strand_id 
_struct_ref_seq.seq_align_beg 
_struct_ref_seq.pdbx_seq_align_beg_ins_code 
_struct_ref_seq.seq_align_end 
_struct_ref_seq.pdbx_seq_align_end_ins_code 
_struct_ref_seq.pdbx_db_accession 
_struct_ref_seq.db_align_beg 
_struct_ref_seq.pdbx_db_align_beg_ins_code 
_struct_ref_seq.db_align_end 
_struct_ref_seq.pdbx_db_align_end_ins_code 
_struct_ref_seq.pdbx_auth_seq_align_beg 
_struct_ref_seq.pdbx_auth_seq_align_end 
1 1 282D A 1 ? 6 ? 282D 1 ? 6  ? 1 6  
2 1 282D B 1 ? 6 ? 282D 7 ? 12 ? 7 12 
# 
_pdbx_struct_assembly.id                   1 
_pdbx_struct_assembly.details              author_defined_assembly 
_pdbx_struct_assembly.method_details       ? 
_pdbx_struct_assembly.oligomeric_details   dimeric 
_pdbx_struct_assembly.oligomeric_count     2 
# 
_pdbx_struct_assembly_gen.assembly_id       1 
_pdbx_struct_assembly_gen.oper_expression   1 
_pdbx_struct_assembly_gen.asym_id_list      A,B,C,D,E 
# 
_pdbx_struct_oper_list.id                   1 
_pdbx_struct_oper_list.type                 'identity operation' 
_pdbx_struct_oper_list.name                 1_555 
_pdbx_struct_oper_list.symmetry_operation   x,y,z 
_pdbx_struct_oper_list.matrix[1][1]         1.0000000000 
_pdbx_struct_oper_list.matrix[1][2]         0.0000000000 
_pdbx_struct_oper_list.matrix[1][3]         0.0000000000 
_pdbx_struct_oper_list.vector[1]            0.0000000000 
_pdbx_struct_oper_list.matrix[2][1]         0.0000000000 
_pdbx_struct_oper_list.matrix[2][2]         1.0000000000 
_pdbx_struct_oper_list.matrix[2][3]         0.0000000000 
_pdbx_struct_oper_list.vector[2]            0.0000000000 
_pdbx_struct_oper_list.matrix[3][1]         0.0000000000 
_pdbx_struct_oper_list.matrix[3][2]         0.0000000000 
_pdbx_struct_oper_list.matrix[3][3]         1.0000000000 
_pdbx_struct_oper_list.vector[3]            0.0000000000 
# 
_struct_biol.id   1 
# 
loop_
_struct_conn.id 
_struct_conn.conn_type_id 
_struct_conn.pdbx_leaving_atom_flag 
_struct_conn.pdbx_PDB_id 
_struct_conn.ptnr1_label_asym_id 
_struct_conn.ptnr1_label_comp_id 
_struct_conn.ptnr1_label_seq_id 
_struct_conn.ptnr1_label_atom_id 
_struct_conn.pdbx_ptnr1_label_alt_id 
_struct_conn.pdbx_ptnr1_PDB_ins_code 
_struct_conn.pdbx_ptnr1_standard_comp_id 
_struct_conn.ptnr1_symmetry 
_struct_conn.ptnr2_label_asym_id 
_struct_conn.ptnr2_label_comp_id 
_struct_conn.ptnr2_label_seq_id 
_struct_conn.ptnr2_label_atom_id 
_struct_conn.pdbx_ptnr2_label_alt_id 
_struct_conn.pdbx_ptnr2_PDB_ins_code 
_struct_conn.ptnr1_auth_asym_id 
_struct_conn.ptnr1_auth_comp_id 
_struct_conn.ptnr1_auth_seq_id 
_struct_conn.ptnr2_auth_asym_id 
_struct_conn.ptnr2_auth_comp_id 
_struct_conn.ptnr2_auth_seq_id 
_struct_conn.ptnr2_symmetry 
_struct_conn.pdbx_ptnr3_label_atom_id 
_struct_conn.pdbx_ptnr3_label_seq_id 
_struct_conn.pdbx_ptnr3_label_comp_id 
_struct_conn.pdbx_ptnr3_label_asym_id 
_struct_conn.pdbx_ptnr3_label_alt_id 
_struct_conn.pdbx_ptnr3_PDB_ins_code 
_struct_conn.details 
_struct_conn.pdbx_dist_value 
_struct_conn.pdbx_value_order 
_struct_conn.pdbx_role 
hydrog1  hydrog ? ? A DC 1 N3 ? ? ? 1_555 B DG 6 N1 ? ? A DC 1 B DG 12 1_555 ? ? ? ? ? ? WATSON-CRICK ? ? ? 
hydrog2  hydrog ? ? A DC 1 N4 ? ? ? 1_555 B DG 6 O6 ? ? A DC 1 B DG 12 1_555 ? ? ? ? ? ? WATSON-CRICK ? ? ? 
hydrog3  hydrog ? ? A DC 1 O2 ? ? ? 1_555 B DG 6 N2 ? ? A DC 1 B DG 12 1_555 ? ? ? ? ? ? WATSON-CRICK ? ? ? 
hydrog4  hydrog ? ? A DC 2 N3 ? ? ? 1_555 B DG 5 N1 ? ? A DC 2 B DG 11 1_555 ? ? ? ? ? ? WATSON-CRICK ? ? ? 
hydrog5  hydrog ? ? A DC 2 N4 ? ? ? 1_555 B DG 5 O6 ? ? A DC 2 B DG 11 1_555 ? ? ? ? ? ? WATSON-CRICK ? ? ? 
hydrog6  hydrog ? ? A DC 2 O2 ? ? ? 1_555 B DG 5 N2 ? ? A DC 2 B DG 11 1_555 ? ? ? ? ? ? WATSON-CRICK ? ? ? 
hydrog7  hydrog ? ? A DC 3 N3 ? ? ? 1_555 B DG 4 N1 ? ? A DC 3 B DG 10 1_555 ? ? ? ? ? ? WATSON-CRICK ? ? ? 
hydrog8  hydrog ? ? A DC 3 N4 ? ? ? 1_555 B DG 4 O6 ? ? A DC 3 B DG 10 1_555 ? ? ? ? ? ? WATSON-CRICK ? ? ? 
hydrog9  hydrog ? ? A DC 3 O2 ? ? ? 1_555 B DG 4 N2 ? ? A DC 3 B DG 10 1_555 ? ? ? ? ? ? WATSON-CRICK ? ? ? 
hydrog10 hydrog ? ? A DG 4 N1 ? ? ? 1_555 B DC 3 N3 ? ? A DG 4 B DC 9  1_555 ? ? ? ? ? ? WATSON-CRICK ? ? ? 
hydrog11 hydrog ? ? A DG 4 N2 ? ? ? 1_555 B DC 3 O2 ? ? A DG 4 B DC 9  1_555 ? ? ? ? ? ? WATSON-CRICK ? ? ? 
hydrog12 hydrog ? ? A DG 4 O6 ? ? ? 1_555 B DC 3 N4 ? ? A DG 4 B DC 9  1_555 ? ? ? ? ? ? WATSON-CRICK ? ? ? 
hydrog13 hydrog ? ? A DG 5 N1 ? ? ? 1_555 B DC 2 N3 ? ? A DG 5 B DC 8  1_555 ? ? ? ? ? ? WATSON-CRICK ? ? ? 
hydrog14 hydrog ? ? A DG 5 N2 ? ? ? 1_555 B DC 2 O2 ? ? A DG 5 B DC 8  1_555 ? ? ? ? ? ? WATSON-CRICK ? ? ? 
hydrog15 hydrog ? ? A DG 5 O6 ? ? ? 1_555 B DC 2 N4 ? ? A DG 5 B DC 8  1_555 ? ? ? ? ? ? WATSON-CRICK ? ? ? 
hydrog16 hydrog ? ? A DG 6 N1 ? ? ? 1_555 B DC 1 N3 ? ? A DG 6 B DC 7  1_555 ? ? ? ? ? ? WATSON-CRICK ? ? ? 
hydrog17 hydrog ? ? A DG 6 N2 ? ? ? 1_555 B DC 1 O2 ? ? A DG 6 B DC 7  1_555 ? ? ? ? ? ? WATSON-CRICK ? ? ? 
hydrog18 hydrog ? ? A DG 6 O6 ? ? ? 1_555 B DC 1 N4 ? ? A DG 6 B DC 7  1_555 ? ? ? ? ? ? WATSON-CRICK ? ? ? 
# 
_struct_conn_type.id          hydrog 
_struct_conn_type.criteria    ? 
_struct_conn_type.reference   ? 
# 
loop_
_struct_site.id 
_struct_site.pdbx_evidence_code 
_struct_site.pdbx_auth_asym_id 
_struct_site.pdbx_auth_comp_id 
_struct_site.pdbx_auth_seq_id 
_struct_site.pdbx_auth_ins_code 
_struct_site.pdbx_num_residues 
_struct_site.details 
AC1                 Software A NGM 13 ? 12 'BINDING SITE FOR RESIDUE NGM A 13' 
'DRUG BINDING SITE' ?        ? ?   ?  ? ?  ?                                   
# 
loop_
_struct_site_gen.id 
_struct_site_gen.site_id 
_struct_site_gen.pdbx_num_res 
_struct_site_gen.label_comp_id 
_struct_site_gen.label_asym_id 
_struct_site_gen.label_seq_id 
_struct_site_gen.pdbx_auth_ins_code 
_struct_site_gen.auth_comp_id 
_struct_site_gen.auth_asym_id 
_struct_site_gen.auth_seq_id 
_struct_site_gen.label_atom_id 
_struct_site_gen.label_alt_id 
_struct_site_gen.symmetry 
_struct_site_gen.details 
1  AC1 12 DC  A 2 ? DC  A 2  . ? 7_555 ? 
2  AC1 12 DC  A 3 ? DC  A 3  . ? 1_555 ? 
3  AC1 12 DC  A 3 ? DC  A 3  . ? 7_555 ? 
4  AC1 12 DG  A 4 ? DG  A 4  . ? 1_555 ? 
5  AC1 12 DG  A 5 ? DG  A 5  . ? 1_555 ? 
6  AC1 12 DG  A 6 ? DG  A 6  . ? 1_555 ? 
7  AC1 12 HOH D . ? HOH A 30 . ? 1_555 ? 
8  AC1 12 HOH D . ? HOH A 41 . ? 1_555 ? 
9  AC1 12 HOH D . ? HOH A 53 . ? 1_555 ? 
10 AC1 12 DC  B 2 ? DC  B 8  . ? 1_555 ? 
11 AC1 12 DC  B 3 ? DC  B 9  . ? 1_555 ? 
12 AC1 12 DG  B 4 ? DG  B 10 . ? 1_555 ? 
# 
loop_
_pdbx_validate_rmsd_angle.id 
_pdbx_validate_rmsd_angle.PDB_model_num 
_pdbx_validate_rmsd_angle.auth_atom_id_1 
_pdbx_validate_rmsd_angle.auth_asym_id_1 
_pdbx_validate_rmsd_angle.auth_comp_id_1 
_pdbx_validate_rmsd_angle.auth_seq_id_1 
_pdbx_validate_rmsd_angle.PDB_ins_code_1 
_pdbx_validate_rmsd_angle.label_alt_id_1 
_pdbx_validate_rmsd_angle.auth_atom_id_2 
_pdbx_validate_rmsd_angle.auth_asym_id_2 
_pdbx_validate_rmsd_angle.auth_comp_id_2 
_pdbx_validate_rmsd_angle.auth_seq_id_2 
_pdbx_validate_rmsd_angle.PDB_ins_code_2 
_pdbx_validate_rmsd_angle.label_alt_id_2 
_pdbx_validate_rmsd_angle.auth_atom_id_3 
_pdbx_validate_rmsd_angle.auth_asym_id_3 
_pdbx_validate_rmsd_angle.auth_comp_id_3 
_pdbx_validate_rmsd_angle.auth_seq_id_3 
_pdbx_validate_rmsd_angle.PDB_ins_code_3 
_pdbx_validate_rmsd_angle.label_alt_id_3 
_pdbx_validate_rmsd_angle.angle_value 
_pdbx_validate_rmsd_angle.angle_target_value 
_pdbx_validate_rmsd_angle.angle_deviation 
_pdbx_validate_rmsd_angle.angle_standard_deviation 
_pdbx_validate_rmsd_angle.linker_flag 
1  1 "O4'" A DC 1  ? ? "C1'" A DC 1  ? ? N1    A DC 1  ? ? 111.89 108.30 3.59  0.30 N 
2  1 "O4'" A DC 2  ? ? "C4'" A DC 2  ? ? "C3'" A DC 2  ? ? 101.37 104.50 -3.13 0.40 N 
3  1 N1    A DC 2  ? ? C2    A DC 2  ? ? O2    A DC 2  ? ? 124.26 118.90 5.36  0.60 N 
4  1 N3    A DC 2  ? ? C2    A DC 2  ? ? O2    A DC 2  ? ? 117.46 121.90 -4.44 0.70 N 
5  1 "O4'" A DC 3  ? ? "C1'" A DC 3  ? ? N1    A DC 3  ? ? 110.70 108.30 2.40  0.30 N 
6  1 "O4'" A DG 4  ? ? "C1'" A DG 4  ? ? "C2'" A DG 4  ? ? 100.78 105.90 -5.12 0.80 N 
7  1 "O4'" A DG 4  ? ? "C1'" A DG 4  ? ? N9    A DG 4  ? ? 114.76 108.30 6.46  0.30 N 
8  1 "C3'" A DG 4  ? ? "O3'" A DG 4  ? ? P     A DG 5  ? ? 128.63 119.70 8.93  1.20 Y 
9  1 "O4'" A DG 5  ? ? "C1'" A DG 5  ? ? N9    A DG 5  ? ? 111.95 108.30 3.65  0.30 N 
10 1 N1    B DC 7  ? ? C2    B DC 7  ? ? O2    B DC 7  ? ? 122.97 118.90 4.07  0.60 N 
11 1 "O4'" B DC 9  ? ? "C1'" B DC 9  ? ? N1    B DC 9  ? ? 111.17 108.30 2.87  0.30 N 
12 1 N1    B DC 9  ? ? C2    B DC 9  ? ? O2    B DC 9  ? ? 122.69 118.90 3.79  0.60 N 
13 1 "O4'" B DG 10 ? ? "C1'" B DG 10 ? ? N9    B DG 10 ? ? 113.74 108.30 5.44  0.30 N 
14 1 "O4'" B DG 11 ? ? "C1'" B DG 11 ? ? N9    B DG 11 ? ? 112.94 108.30 4.64  0.30 N 
15 1 "O4'" B DG 12 ? ? "C1'" B DG 12 ? ? N9    B DG 12 ? ? 110.56 108.30 2.26  0.30 N 
# 
loop_
_pdbx_validate_chiral.id 
_pdbx_validate_chiral.PDB_model_num 
_pdbx_validate_chiral.auth_atom_id 
_pdbx_validate_chiral.label_alt_id 
_pdbx_validate_chiral.auth_asym_id 
_pdbx_validate_chiral.auth_comp_id 
_pdbx_validate_chiral.auth_seq_id 
_pdbx_validate_chiral.PDB_ins_code 
_pdbx_validate_chiral.details 
_pdbx_validate_chiral.omega 
1 1 C31   ? A NGM 13 ? PLANAR       . 
2 1 C32   ? A NGM 13 ? 'WRONG HAND' . 
3 1 "C4'" ? A NGM 13 ? PLANAR       . 
# 
_pdbx_validate_planes.id              1 
_pdbx_validate_planes.PDB_model_num   1 
_pdbx_validate_planes.auth_comp_id    DG 
_pdbx_validate_planes.auth_asym_id    B 
_pdbx_validate_planes.auth_seq_id     10 
_pdbx_validate_planes.PDB_ins_code    ? 
_pdbx_validate_planes.label_alt_id    ? 
_pdbx_validate_planes.rmsd            0.058 
_pdbx_validate_planes.type            'SIDE CHAIN' 
# 
_struct_site_keywords.site_id   'DRUG BINDING SITE' 
_struct_site_keywords.text      INTERCALATION 
# 
loop_
_refine_B_iso.class 
_refine_B_iso.details 
_refine_B_iso.treatment 
_refine_B_iso.pdbx_refine_id 
'ALL ATOMS'  TR isotropic 'X-RAY DIFFRACTION' 
'ALL WATERS' TR isotropic 'X-RAY DIFFRACTION' 
# 
loop_
_refine_occupancy.class 
_refine_occupancy.treatment 
_refine_occupancy.pdbx_refine_id 
'ALL ATOMS'  fix 'X-RAY DIFFRACTION' 
'ALL WATERS' fix 'X-RAY DIFFRACTION' 
# 
loop_
_chem_comp_atom.comp_id 
_chem_comp_atom.atom_id 
_chem_comp_atom.type_symbol 
_chem_comp_atom.pdbx_aromatic_flag 
_chem_comp_atom.pdbx_stereo_config 
_chem_comp_atom.pdbx_ordinal 
DC  OP3    O N N 1   
DC  P      P N N 2   
DC  OP1    O N N 3   
DC  OP2    O N N 4   
DC  "O5'"  O N N 5   
DC  "C5'"  C N N 6   
DC  "C4'"  C N R 7   
DC  "O4'"  O N N 8   
DC  "C3'"  C N S 9   
DC  "O3'"  O N N 10  
DC  "C2'"  C N N 11  
DC  "C1'"  C N R 12  
DC  N1     N N N 13  
DC  C2     C N N 14  
DC  O2     O N N 15  
DC  N3     N N N 16  
DC  C4     C N N 17  
DC  N4     N N N 18  
DC  C5     C N N 19  
DC  C6     C N N 20  
DC  HOP3   H N N 21  
DC  HOP2   H N N 22  
DC  "H5'"  H N N 23  
DC  "H5''" H N N 24  
DC  "H4'"  H N N 25  
DC  "H3'"  H N N 26  
DC  "HO3'" H N N 27  
DC  "H2'"  H N N 28  
DC  "H2''" H N N 29  
DC  "H1'"  H N N 30  
DC  H41    H N N 31  
DC  H42    H N N 32  
DC  H5     H N N 33  
DC  H6     H N N 34  
DG  OP3    O N N 35  
DG  P      P N N 36  
DG  OP1    O N N 37  
DG  OP2    O N N 38  
DG  "O5'"  O N N 39  
DG  "C5'"  C N N 40  
DG  "C4'"  C N R 41  
DG  "O4'"  O N N 42  
DG  "C3'"  C N S 43  
DG  "O3'"  O N N 44  
DG  "C2'"  C N N 45  
DG  "C1'"  C N R 46  
DG  N9     N Y N 47  
DG  C8     C Y N 48  
DG  N7     N Y N 49  
DG  C5     C Y N 50  
DG  C6     C N N 51  
DG  O6     O N N 52  
DG  N1     N N N 53  
DG  C2     C N N 54  
DG  N2     N N N 55  
DG  N3     N N N 56  
DG  C4     C Y N 57  
DG  HOP3   H N N 58  
DG  HOP2   H N N 59  
DG  "H5'"  H N N 60  
DG  "H5''" H N N 61  
DG  "H4'"  H N N 62  
DG  "H3'"  H N N 63  
DG  "HO3'" H N N 64  
DG  "H2'"  H N N 65  
DG  "H2''" H N N 66  
DG  "H1'"  H N N 67  
DG  H8     H N N 68  
DG  H1     H N N 69  
DG  H21    H N N 70  
DG  H22    H N N 71  
HOH O      O N N 72  
HOH H1     H N N 73  
HOH H2     H N N 74  
NGM C1     C Y N 75  
NGM C2     C Y N 76  
NGM C3     C Y N 77  
NGM C4     C Y N 78  
NGM C5     C N N 79  
NGM C6     C Y N 80  
NGM C7     C N S 81  
NGM C8     C N N 82  
NGM C9     C N S 83  
NGM C10    C N R 84  
NGM C11    C Y N 85  
NGM C12    C N N 86  
NGM C13    C N N 87  
NGM C14    C N N 88  
NGM C15    C N N 89  
NGM C16    C Y N 90  
NGM C17    C Y N 91  
NGM C18    C Y N 92  
NGM C19    C Y N 93  
NGM C20    C Y N 94  
NGM C21    C Y N 95  
NGM C22    C N N 96  
NGM C23    C N N 97  
NGM C24    C N N 98  
NGM C25    C N N 99  
NGM C26    C N N 100 
NGM C27    C N N 101 
NGM C28    C N N 102 
NGM C29    C N N 103 
NGM C30    C N S 104 
NGM C31    C N S 105 
NGM C32    C N R 106 
NGM C33    C N R 107 
NGM C34    C N R 108 
NGM "C1'"  C N R 109 
NGM "C2'"  C N R 110 
NGM "C3'"  C N R 111 
NGM "C4'"  C N S 112 
NGM "C5'"  C N S 113 
NGM N1     N N N 114 
NGM O1     O N N 115 
NGM O2     O N N 116 
NGM O4     O N N 117 
NGM O5     O N N 118 
NGM O6     O N N 119 
NGM O7     O N N 120 
NGM O9     O N N 121 
NGM O10    O N N 122 
NGM O14    O N N 123 
NGM O12    O N N 124 
NGM O15    O N N 125 
NGM O16    O N N 126 
NGM "O1'"  O N N 127 
NGM "O2'"  O N N 128 
NGM "O3'"  O N N 129 
NGM "O4'"  O N N 130 
NGM H3     H N N 131 
NGM H7     H N N 132 
NGM H81    H N N 133 
NGM H82    H N N 134 
NGM H10    H N N 135 
NGM H11    H N N 136 
NGM H131   H N N 137 
NGM H132   H N N 138 
NGM H133   H N N 139 
NGM H151   H N N 140 
NGM H152   H N N 141 
NGM H153   H N N 142 
NGM H221   H N N 143 
NGM H222   H N N 144 
NGM H223   H N N 145 
NGM H231   H N N 146 
NGM H232   H N N 147 
NGM H233   H N N 148 
NGM H241   H N N 149 
NGM H242   H N N 150 
NGM H243   H N N 151 
NGM H251   H N N 152 
NGM H252   H N N 153 
NGM H253   H N N 154 
NGM H261   H N N 155 
NGM H262   H N N 156 
NGM H263   H N N 157 
NGM H271   H N N 158 
NGM H272   H N N 159 
NGM H273   H N N 160 
NGM H281   H N N 161 
NGM H282   H N N 162 
NGM H283   H N N 163 
NGM H291   H N N 164 
NGM H292   H N N 165 
NGM H293   H N N 166 
NGM H30    H N N 167 
NGM H31    H N N 168 
NGM H32    H N N 169 
NGM H33    H N N 170 
NGM "H1'"  H N N 171 
NGM "H2'"  H N N 172 
NGM "H4'"  H N N 173 
NGM "H5'"  H N N 174 
NGM HO4    H N N 175 
NGM HO6    H N N 176 
NGM HO9    H N N 177 
NGM H15    H N N 178 
NGM H16    H N N 179 
# 
loop_
_chem_comp_bond.comp_id 
_chem_comp_bond.atom_id_1 
_chem_comp_bond.atom_id_2 
_chem_comp_bond.value_order 
_chem_comp_bond.pdbx_aromatic_flag 
_chem_comp_bond.pdbx_stereo_config 
_chem_comp_bond.pdbx_ordinal 
DC  OP3   P      sing N N 1   
DC  OP3   HOP3   sing N N 2   
DC  P     OP1    doub N N 3   
DC  P     OP2    sing N N 4   
DC  P     "O5'"  sing N N 5   
DC  OP2   HOP2   sing N N 6   
DC  "O5'" "C5'"  sing N N 7   
DC  "C5'" "C4'"  sing N N 8   
DC  "C5'" "H5'"  sing N N 9   
DC  "C5'" "H5''" sing N N 10  
DC  "C4'" "O4'"  sing N N 11  
DC  "C4'" "C3'"  sing N N 12  
DC  "C4'" "H4'"  sing N N 13  
DC  "O4'" "C1'"  sing N N 14  
DC  "C3'" "O3'"  sing N N 15  
DC  "C3'" "C2'"  sing N N 16  
DC  "C3'" "H3'"  sing N N 17  
DC  "O3'" "HO3'" sing N N 18  
DC  "C2'" "C1'"  sing N N 19  
DC  "C2'" "H2'"  sing N N 20  
DC  "C2'" "H2''" sing N N 21  
DC  "C1'" N1     sing N N 22  
DC  "C1'" "H1'"  sing N N 23  
DC  N1    C2     sing N N 24  
DC  N1    C6     sing N N 25  
DC  C2    O2     doub N N 26  
DC  C2    N3     sing N N 27  
DC  N3    C4     doub N N 28  
DC  C4    N4     sing N N 29  
DC  C4    C5     sing N N 30  
DC  N4    H41    sing N N 31  
DC  N4    H42    sing N N 32  
DC  C5    C6     doub N N 33  
DC  C5    H5     sing N N 34  
DC  C6    H6     sing N N 35  
DG  OP3   P      sing N N 36  
DG  OP3   HOP3   sing N N 37  
DG  P     OP1    doub N N 38  
DG  P     OP2    sing N N 39  
DG  P     "O5'"  sing N N 40  
DG  OP2   HOP2   sing N N 41  
DG  "O5'" "C5'"  sing N N 42  
DG  "C5'" "C4'"  sing N N 43  
DG  "C5'" "H5'"  sing N N 44  
DG  "C5'" "H5''" sing N N 45  
DG  "C4'" "O4'"  sing N N 46  
DG  "C4'" "C3'"  sing N N 47  
DG  "C4'" "H4'"  sing N N 48  
DG  "O4'" "C1'"  sing N N 49  
DG  "C3'" "O3'"  sing N N 50  
DG  "C3'" "C2'"  sing N N 51  
DG  "C3'" "H3'"  sing N N 52  
DG  "O3'" "HO3'" sing N N 53  
DG  "C2'" "C1'"  sing N N 54  
DG  "C2'" "H2'"  sing N N 55  
DG  "C2'" "H2''" sing N N 56  
DG  "C1'" N9     sing N N 57  
DG  "C1'" "H1'"  sing N N 58  
DG  N9    C8     sing Y N 59  
DG  N9    C4     sing Y N 60  
DG  C8    N7     doub Y N 61  
DG  C8    H8     sing N N 62  
DG  N7    C5     sing Y N 63  
DG  C5    C6     sing N N 64  
DG  C5    C4     doub Y N 65  
DG  C6    O6     doub N N 66  
DG  C6    N1     sing N N 67  
DG  N1    C2     sing N N 68  
DG  N1    H1     sing N N 69  
DG  C2    N2     sing N N 70  
DG  C2    N3     doub N N 71  
DG  N2    H21    sing N N 72  
DG  N2    H22    sing N N 73  
DG  N3    C4     sing N N 74  
HOH O     H1     sing N N 75  
HOH O     H2     sing N N 76  
NGM C1    C2     doub Y N 77  
NGM C1    C16    sing Y N 78  
NGM C1    O1     sing N N 79  
NGM C2    C3     sing Y N 80  
NGM C2    C34    sing N N 81  
NGM C3    C4     doub Y N 82  
NGM C3    H3     sing N N 83  
NGM C4    C17    sing Y N 84  
NGM C4    O4     sing N N 85  
NGM C5    C17    sing N N 86  
NGM C5    C18    sing N N 87  
NGM C5    O5     doub N N 88  
NGM C6    C18    doub Y N 89  
NGM C6    C19    sing Y N 90  
NGM C6    O6     sing N N 91  
NGM C7    C8     sing N N 92  
NGM C7    C19    sing N N 93  
NGM C7    O7     sing N N 94  
NGM C7    H7     sing N N 95  
NGM C8    C9     sing N N 96  
NGM C8    H81    sing N N 97  
NGM C8    H82    sing N N 98  
NGM C9    C10    sing N N 99  
NGM C9    C13    sing N N 100 
NGM C9    O9     sing N N 101 
NGM C10   C14    sing N N 102 
NGM C10   C20    sing N N 103 
NGM C10   H10    sing N N 104 
NGM C11   C20    sing Y N 105 
NGM C11   C21    doub Y N 106 
NGM C11   H11    sing N N 107 
NGM C12   C16    sing N N 108 
NGM C12   C21    sing N N 109 
NGM C12   O12    doub N N 110 
NGM C13   H131   sing N N 111 
NGM C13   H132   sing N N 112 
NGM C13   H133   sing N N 113 
NGM C14   O10    sing N N 114 
NGM C14   O14    doub N N 115 
NGM C15   O10    sing N N 116 
NGM C15   H151   sing N N 117 
NGM C15   H152   sing N N 118 
NGM C15   H153   sing N N 119 
NGM C16   C17    doub Y N 120 
NGM C18   C21    sing Y N 121 
NGM C19   C20    doub Y N 122 
NGM C22   C34    sing N N 123 
NGM C22   H221   sing N N 124 
NGM C22   H222   sing N N 125 
NGM C22   H223   sing N N 126 
NGM C23   N1     sing N N 127 
NGM C23   H231   sing N N 128 
NGM C23   H232   sing N N 129 
NGM C23   H233   sing N N 130 
NGM C24   N1     sing N N 131 
NGM C24   H241   sing N N 132 
NGM C24   H242   sing N N 133 
NGM C24   H243   sing N N 134 
NGM C25   "C5'"  sing N N 135 
NGM C25   H251   sing N N 136 
NGM C25   H252   sing N N 137 
NGM C25   H253   sing N N 138 
NGM C26   "O4'"  sing N N 139 
NGM C26   H261   sing N N 140 
NGM C26   H262   sing N N 141 
NGM C26   H263   sing N N 142 
NGM C27   "O3'"  sing N N 143 
NGM C27   H271   sing N N 144 
NGM C27   H272   sing N N 145 
NGM C27   H273   sing N N 146 
NGM C28   "C3'"  sing N N 147 
NGM C28   H281   sing N N 148 
NGM C28   H282   sing N N 149 
NGM C28   H283   sing N N 150 
NGM C29   "O2'"  sing N N 151 
NGM C29   H291   sing N N 152 
NGM C29   H292   sing N N 153 
NGM C29   H293   sing N N 154 
NGM C30   C31    sing N N 155 
NGM C30   O1     sing N N 156 
NGM C30   O2     sing N N 157 
NGM C30   H30    sing N N 158 
NGM C31   C32    sing N N 159 
NGM C31   O15    sing N N 160 
NGM C31   H31    sing N N 161 
NGM C32   C33    sing N N 162 
NGM C32   N1     sing N N 163 
NGM C32   H32    sing N N 164 
NGM C33   C34    sing N N 165 
NGM C33   O16    sing N N 166 
NGM C33   H33    sing N N 167 
NGM C34   O2     sing N N 168 
NGM "C1'" "C2'"  sing N N 169 
NGM "C1'" O7     sing N N 170 
NGM "C1'" "O1'"  sing N N 171 
NGM "C1'" "H1'"  sing N N 172 
NGM "C2'" "C3'"  sing N N 173 
NGM "C2'" "O2'"  sing N N 174 
NGM "C2'" "H2'"  sing N N 175 
NGM "C3'" "C4'"  sing N N 176 
NGM "C3'" "O3'"  sing N N 177 
NGM "C4'" "C5'"  sing N N 178 
NGM "C4'" "O4'"  sing N N 179 
NGM "C4'" "H4'"  sing N N 180 
NGM "C5'" "O1'"  sing N N 181 
NGM "C5'" "H5'"  sing N N 182 
NGM O4    HO4    sing N N 183 
NGM O6    HO6    sing N N 184 
NGM O9    HO9    sing N N 185 
NGM O15   H15    sing N N 186 
NGM O16   H16    sing N N 187 
# 
_ndb_struct_conf_na.entry_id   282D 
_ndb_struct_conf_na.feature    'double helix' 
# 
loop_
_ndb_struct_na_base_pair.model_number 
_ndb_struct_na_base_pair.i_label_asym_id 
_ndb_struct_na_base_pair.i_label_comp_id 
_ndb_struct_na_base_pair.i_label_seq_id 
_ndb_struct_na_base_pair.i_symmetry 
_ndb_struct_na_base_pair.j_label_asym_id 
_ndb_struct_na_base_pair.j_label_comp_id 
_ndb_struct_na_base_pair.j_label_seq_id 
_ndb_struct_na_base_pair.j_symmetry 
_ndb_struct_na_base_pair.shear 
_ndb_struct_na_base_pair.stretch 
_ndb_struct_na_base_pair.stagger 
_ndb_struct_na_base_pair.buckle 
_ndb_struct_na_base_pair.propeller 
_ndb_struct_na_base_pair.opening 
_ndb_struct_na_base_pair.pair_number 
_ndb_struct_na_base_pair.pair_name 
_ndb_struct_na_base_pair.i_auth_asym_id 
_ndb_struct_na_base_pair.i_auth_seq_id 
_ndb_struct_na_base_pair.i_PDB_ins_code 
_ndb_struct_na_base_pair.j_auth_asym_id 
_ndb_struct_na_base_pair.j_auth_seq_id 
_ndb_struct_na_base_pair.j_PDB_ins_code 
_ndb_struct_na_base_pair.hbond_type_28 
_ndb_struct_na_base_pair.hbond_type_12 
1 A DC 1 1_555 B DG 6 1_555 0.393  -0.262 0.249 -2.318  -16.585 2.042  1 A_DC1:DG12_B A 1 ? B 12 ? 19 1 
1 A DC 2 1_555 B DG 5 1_555 0.532  -0.297 0.229 -8.045  -8.679  -1.334 2 A_DC2:DG11_B A 2 ? B 11 ? 19 1 
1 A DC 3 1_555 B DG 4 1_555 0.371  -0.310 0.041 14.002  -4.546  1.628  3 A_DC3:DG10_B A 3 ? B 10 ? 19 1 
1 A DG 4 1_555 B DC 3 1_555 -0.392 -0.306 0.097 -10.843 3.301   0.691  4 A_DG4:DC9_B  A 4 ? B 9  ? 19 1 
1 A DG 5 1_555 B DC 2 1_555 -0.410 -0.238 0.155 -1.166  -5.661  2.319  5 A_DG5:DC8_B  A 5 ? B 8  ? 19 1 
1 A DG 6 1_555 B DC 1 1_555 -0.179 -0.273 0.084 2.299   -12.891 -2.322 6 A_DG6:DC7_B  A 6 ? B 7  ? 19 1 
# 
loop_
_ndb_struct_na_base_pair_step.model_number 
_ndb_struct_na_base_pair_step.i_label_asym_id_1 
_ndb_struct_na_base_pair_step.i_label_comp_id_1 
_ndb_struct_na_base_pair_step.i_label_seq_id_1 
_ndb_struct_na_base_pair_step.i_symmetry_1 
_ndb_struct_na_base_pair_step.j_label_asym_id_1 
_ndb_struct_na_base_pair_step.j_label_comp_id_1 
_ndb_struct_na_base_pair_step.j_label_seq_id_1 
_ndb_struct_na_base_pair_step.j_symmetry_1 
_ndb_struct_na_base_pair_step.i_label_asym_id_2 
_ndb_struct_na_base_pair_step.i_label_comp_id_2 
_ndb_struct_na_base_pair_step.i_label_seq_id_2 
_ndb_struct_na_base_pair_step.i_symmetry_2 
_ndb_struct_na_base_pair_step.j_label_asym_id_2 
_ndb_struct_na_base_pair_step.j_label_comp_id_2 
_ndb_struct_na_base_pair_step.j_label_seq_id_2 
_ndb_struct_na_base_pair_step.j_symmetry_2 
_ndb_struct_na_base_pair_step.shift 
_ndb_struct_na_base_pair_step.slide 
_ndb_struct_na_base_pair_step.rise 
_ndb_struct_na_base_pair_step.tilt 
_ndb_struct_na_base_pair_step.roll 
_ndb_struct_na_base_pair_step.twist 
_ndb_struct_na_base_pair_step.x_displacement 
_ndb_struct_na_base_pair_step.y_displacement 
_ndb_struct_na_base_pair_step.helical_rise 
_ndb_struct_na_base_pair_step.inclination 
_ndb_struct_na_base_pair_step.tip 
_ndb_struct_na_base_pair_step.helical_twist 
_ndb_struct_na_base_pair_step.step_number 
_ndb_struct_na_base_pair_step.step_name 
_ndb_struct_na_base_pair_step.i_auth_asym_id_1 
_ndb_struct_na_base_pair_step.i_auth_seq_id_1 
_ndb_struct_na_base_pair_step.i_PDB_ins_code_1 
_ndb_struct_na_base_pair_step.j_auth_asym_id_1 
_ndb_struct_na_base_pair_step.j_auth_seq_id_1 
_ndb_struct_na_base_pair_step.j_PDB_ins_code_1 
_ndb_struct_na_base_pair_step.i_auth_asym_id_2 
_ndb_struct_na_base_pair_step.i_auth_seq_id_2 
_ndb_struct_na_base_pair_step.i_PDB_ins_code_2 
_ndb_struct_na_base_pair_step.j_auth_asym_id_2 
_ndb_struct_na_base_pair_step.j_auth_seq_id_2 
_ndb_struct_na_base_pair_step.j_PDB_ins_code_2 
1 A DC 1 1_555 B DG 6 1_555 A DC 2 1_555 B DG 5 1_555 0.180  -0.793 3.489 1.827  3.600  37.193 -1.738 -0.026 3.405 5.624  -2.853  
37.404 1 AA_DC1DC2:DG11DG12_BB A 1 ? B 12 ? A 2 ? B 11 ? 
1 A DC 2 1_555 B DG 5 1_555 A DC 3 1_555 B DG 4 1_555 0.577  -0.162 2.903 3.446  4.755  29.645 -1.175 -0.483 2.890 9.181  -6.653  
30.208 2 AA_DC2DC3:DG10DG11_BB A 2 ? B 11 ? A 3 ? B 10 ? 
1 A DC 3 1_555 B DG 4 1_555 A DG 4 1_555 B DC 3 1_555 0.264  -0.675 6.924 4.011  -0.701 15.360 -1.335 5.376  6.792 -2.566 -14.673 
15.887 3 AA_DC3DG4:DC9DG10_BB  A 3 ? B 10 ? A 4 ? B 9  ? 
1 A DG 4 1_555 B DC 3 1_555 A DG 5 1_555 B DC 2 1_555 -0.062 -0.118 3.286 -2.589 4.532  31.538 -1.038 -0.358 3.233 8.267  4.723   
31.956 4 AA_DG4DG5:DC8DC9_BB   A 4 ? B 9  ? A 5 ? B 8  ? 
1 A DG 5 1_555 B DC 2 1_555 A DG 6 1_555 B DC 1 1_555 -0.588 -0.885 3.274 -0.513 4.661  38.095 -1.920 0.832  3.155 7.107  0.782   
38.372 5 AA_DG5DG6:DC7DC8_BB   A 5 ? B 8  ? A 6 ? B 7  ? 
# 
loop_
_pdbx_initial_refinement_model.accession_code 
_pdbx_initial_refinement_model.id 
_pdbx_initial_refinement_model.entity_id_list 
_pdbx_initial_refinement_model.type 
_pdbx_initial_refinement_model.source_name 
_pdbx_initial_refinement_model.details 
1D12 1 ? 'experimental model' PDB 'PARTS FROM DIFFERENT SOURCES: E.G. DDF001, DDF019' 
1D11 2 ? 'experimental model' PDB 'PARTS FROM DIFFERENT SOURCES: E.G. DDF001, DDF019' 
# 
_atom_sites.entry_id                    282D 
_atom_sites.fract_transf_matrix[1][1]   0.02110133 
_atom_sites.fract_transf_matrix[1][2]   -0.00159434 
_atom_sites.fract_transf_matrix[1][3]   -0.00528314 
_atom_sites.fract_transf_matrix[2][1]   0.00309629 
_atom_sites.fract_transf_matrix[2][2]   0.02070498 
_atom_sites.fract_transf_matrix[2][3]   0.00611854 
_atom_sites.fract_transf_matrix[3][1]   0.00360626 
_atom_sites.fract_transf_matrix[3][2]   -0.00526529 
_atom_sites.fract_transf_matrix[3][3]   0.01599267 
_atom_sites.fract_transf_vector[1]      0.211280 
_atom_sites.fract_transf_vector[2]      0.226106 
_atom_sites.fract_transf_vector[3]      0.151903 
# 
loop_
_atom_type.symbol 
C 
N 
O 
P 
# 
loop_
_atom_site.group_PDB 
_atom_site.id 
_atom_site.type_symbol 
_atom_site.label_atom_id 
_atom_site.label_alt_id 
_atom_site.label_comp_id 
_atom_site.label_asym_id 
_atom_site.label_entity_id 
_atom_site.label_seq_id 
_atom_site.pdbx_PDB_ins_code 
_atom_site.Cartn_x 
_atom_site.Cartn_y 
_atom_site.Cartn_z 
_atom_site.occupancy 
_atom_site.B_iso_or_equiv 
_atom_site.pdbx_formal_charge 
_atom_site.auth_seq_id 
_atom_site.auth_comp_id 
_atom_site.auth_asym_id 
_atom_site.auth_atom_id 
_atom_site.pdbx_PDB_model_num 
ATOM   1   O "O5'" . DC  A 1 1 ? 6.254   2.624  -11.404 1.00 28.29 ? 1  DC  A "O5'" 1 
ATOM   2   C "C5'" . DC  A 1 1 ? 6.579   1.805  -12.538 1.00 21.19 ? 1  DC  A "C5'" 1 
ATOM   3   C "C4'" . DC  A 1 1 ? 6.932   0.372  -12.117 1.00 18.88 ? 1  DC  A "C4'" 1 
ATOM   4   O "O4'" . DC  A 1 1 ? 8.080   0.327  -11.255 1.00 16.42 ? 1  DC  A "O4'" 1 
ATOM   5   C "C3'" . DC  A 1 1 ? 5.784   -0.185 -11.351 1.00 15.82 ? 1  DC  A "C3'" 1 
ATOM   6   O "O3'" . DC  A 1 1 ? 4.888   -0.733 -12.325 1.00 17.74 ? 1  DC  A "O3'" 1 
ATOM   7   C "C2'" . DC  A 1 1 ? 6.503   -1.210 -10.517 1.00 17.45 ? 1  DC  A "C2'" 1 
ATOM   8   C "C1'" . DC  A 1 1 ? 7.856   -0.621 -10.223 1.00 15.01 ? 1  DC  A "C1'" 1 
ATOM   9   N N1    . DC  A 1 1 ? 7.908   0.003  -8.875  1.00 17.70 ? 1  DC  A N1    1 
ATOM   10  C C2    . DC  A 1 1 ? 8.188   -0.811 -7.803  1.00 18.48 ? 1  DC  A C2    1 
ATOM   11  O O2    . DC  A 1 1 ? 8.265   -2.021 -7.938  1.00 23.39 ? 1  DC  A O2    1 
ATOM   12  N N3    . DC  A 1 1 ? 8.340   -0.284 -6.574  1.00 16.53 ? 1  DC  A N3    1 
ATOM   13  C C4    . DC  A 1 1 ? 8.208   1.026  -6.382  1.00 18.32 ? 1  DC  A C4    1 
ATOM   14  N N4    . DC  A 1 1 ? 8.340   1.509  -5.148  1.00 23.51 ? 1  DC  A N4    1 
ATOM   15  C C5    . DC  A 1 1 ? 7.905   1.903  -7.469  1.00 16.10 ? 1  DC  A C5    1 
ATOM   16  C C6    . DC  A 1 1 ? 7.765   1.349  -8.687  1.00 18.87 ? 1  DC  A C6    1 
ATOM   17  P P     . DC  A 1 2 ? 3.347   -1.048 -12.024 1.00 16.29 ? 2  DC  A P     1 
ATOM   18  O OP1   . DC  A 1 2 ? 2.728   -1.486 -13.297 1.00 14.87 ? 2  DC  A OP1   1 
ATOM   19  O OP2   . DC  A 1 2 ? 2.768   0.103  -11.287 1.00 11.56 ? 2  DC  A OP2   1 
ATOM   20  O "O5'" . DC  A 1 2 ? 3.261   -2.223 -10.980 1.00 13.54 ? 2  DC  A "O5'" 1 
ATOM   21  C "C5'" . DC  A 1 2 ? 3.591   -3.587 -11.244 1.00 14.86 ? 2  DC  A "C5'" 1 
ATOM   22  C "C4'" . DC  A 1 2 ? 3.817   -4.287 -9.915  1.00 15.73 ? 2  DC  A "C4'" 1 
ATOM   23  O "O4'" . DC  A 1 2 ? 4.837   -3.633 -9.171  1.00 15.57 ? 2  DC  A "O4'" 1 
ATOM   24  C "C3'" . DC  A 1 2 ? 2.639   -4.158 -8.984  1.00 20.45 ? 2  DC  A "C3'" 1 
ATOM   25  O "O3'" . DC  A 1 2 ? 1.629   -5.049 -9.450  1.00 25.04 ? 2  DC  A "O3'" 1 
ATOM   26  C "C2'" . DC  A 1 2 ? 3.298   -4.576 -7.687  1.00 17.07 ? 2  DC  A "C2'" 1 
ATOM   27  C "C1'" . DC  A 1 2 ? 4.655   -3.898 -7.750  1.00 15.01 ? 2  DC  A "C1'" 1 
ATOM   28  N N1    . DC  A 1 2 ? 4.712   -2.612 -6.973  1.00 17.44 ? 2  DC  A N1    1 
ATOM   29  C C2    . DC  A 1 2 ? 5.049   -2.648 -5.614  1.00 14.77 ? 2  DC  A C2    1 
ATOM   30  O O2    . DC  A 1 2 ? 5.249   -3.680 -4.978  1.00 19.49 ? 2  DC  A O2    1 
ATOM   31  N N3    . DC  A 1 2 ? 5.166   -1.484 -4.957  1.00 11.52 ? 2  DC  A N3    1 
ATOM   32  C C4    . DC  A 1 2 ? 4.976   -0.310 -5.567  1.00 13.95 ? 2  DC  A C4    1 
ATOM   33  N N4    . DC  A 1 2 ? 5.157   0.815  -4.861  1.00 14.05 ? 2  DC  A N4    1 
ATOM   34  C C5    . DC  A 1 2 ? 4.619   -0.244 -6.949  1.00 11.36 ? 2  DC  A C5    1 
ATOM   35  C C6    . DC  A 1 2 ? 4.499   -1.411 -7.610  1.00 14.83 ? 2  DC  A C6    1 
ATOM   36  P P     . DC  A 1 3 ? 0.077   -4.685 -9.284  1.00 24.02 ? 3  DC  A P     1 
ATOM   37  O OP1   . DC  A 1 3 ? -0.684  -5.487 -10.275 1.00 20.02 ? 3  DC  A OP1   1 
ATOM   38  O OP2   . DC  A 1 3 ? -0.040  -3.204 -9.302  1.00 19.97 ? 3  DC  A OP2   1 
ATOM   39  O "O5'" . DC  A 1 3 ? -0.187  -5.169 -7.767  1.00 18.68 ? 3  DC  A "O5'" 1 
ATOM   40  C "C5'" . DC  A 1 3 ? -0.149  -6.538 -7.318  1.00 17.36 ? 3  DC  A "C5'" 1 
ATOM   41  C "C4'" . DC  A 1 3 ? 0.028   -6.598 -5.803  1.00 15.74 ? 3  DC  A "C4'" 1 
ATOM   42  O "O4'" . DC  A 1 3 ? 1.149   -5.773 -5.468  1.00 21.38 ? 3  DC  A "O4'" 1 
ATOM   43  C "C3'" . DC  A 1 3 ? -1.092  -5.941 -5.064  1.00 21.93 ? 3  DC  A "C3'" 1 
ATOM   44  O "O3'" . DC  A 1 3 ? -2.067  -6.960 -4.832  1.00 28.55 ? 3  DC  A "O3'" 1 
ATOM   45  C "C2'" . DC  A 1 3 ? -0.432  -5.441 -3.786  1.00 20.89 ? 3  DC  A "C2'" 1 
ATOM   46  C "C1'" . DC  A 1 3 ? 0.967   -5.120 -4.198  1.00 17.75 ? 3  DC  A "C1'" 1 
ATOM   47  N N1    . DC  A 1 3 ? 1.192   -3.656 -4.322  1.00 15.75 ? 3  DC  A N1    1 
ATOM   48  C C2    . DC  A 1 3 ? 1.824   -3.016 -3.294  1.00 18.20 ? 3  DC  A C2    1 
ATOM   49  O O2    . DC  A 1 3 ? 2.169   -3.610 -2.276  1.00 20.39 ? 3  DC  A O2    1 
ATOM   50  N N3    . DC  A 1 3 ? 2.051   -1.686 -3.402  1.00 15.70 ? 3  DC  A N3    1 
ATOM   51  C C4    . DC  A 1 3 ? 1.673   -1.000 -4.470  1.00 13.71 ? 3  DC  A C4    1 
ATOM   52  N N4    . DC  A 1 3 ? 1.915   0.313  -4.525  1.00 21.03 ? 3  DC  A N4    1 
ATOM   53  C C5    . DC  A 1 3 ? 1.011   -1.632 -5.542  1.00 12.27 ? 3  DC  A C5    1 
ATOM   54  C C6    . DC  A 1 3 ? 0.794   -2.957 -5.427  1.00 17.61 ? 3  DC  A C6    1 
ATOM   55  P P     . DG  A 1 4 ? -3.594  -6.611 -4.464  1.00 29.24 ? 4  DG  A P     1 
ATOM   56  O OP1   . DG  A 1 4 ? -4.342  -7.877 -4.394  1.00 37.63 ? 4  DG  A OP1   1 
ATOM   57  O OP2   . DG  A 1 4 ? -4.090  -5.499 -5.323  1.00 28.45 ? 4  DG  A OP2   1 
ATOM   58  O "O5'" . DG  A 1 4 ? -3.477  -6.094 -2.974  1.00 25.44 ? 4  DG  A "O5'" 1 
ATOM   59  C "C5'" . DG  A 1 4 ? -3.116  -6.968 -1.924  1.00 23.22 ? 4  DG  A "C5'" 1 
ATOM   60  C "C4'" . DG  A 1 4 ? -3.576  -6.409 -0.607  1.00 25.59 ? 4  DG  A "C4'" 1 
ATOM   61  O "O4'" . DG  A 1 4 ? -3.128  -5.059 -0.435  1.00 26.15 ? 4  DG  A "O4'" 1 
ATOM   62  C "C3'" . DG  A 1 4 ? -5.091  -6.372 -0.538  1.00 29.71 ? 4  DG  A "C3'" 1 
ATOM   63  O "O3'" . DG  A 1 4 ? -5.395  -6.620 0.833   1.00 41.41 ? 4  DG  A "O3'" 1 
ATOM   64  C "C2'" . DG  A 1 4 ? -5.349  -4.944 -0.884  1.00 21.03 ? 4  DG  A "C2'" 1 
ATOM   65  C "C1'" . DG  A 1 4 ? -4.250  -4.224 -0.133  1.00 22.58 ? 4  DG  A "C1'" 1 
ATOM   66  N N9    . DG  A 1 4 ? -4.143  -2.833 -0.638  1.00 18.22 ? 4  DG  A N9    1 
ATOM   67  C C8    . DG  A 1 4 ? -4.422  -2.344 -1.892  1.00 19.00 ? 4  DG  A C8    1 
ATOM   68  N N7    . DG  A 1 4 ? -4.323  -1.037 -1.989  1.00 23.36 ? 4  DG  A N7    1 
ATOM   69  C C5    . DG  A 1 4 ? -3.947  -0.633 -0.713  1.00 16.52 ? 4  DG  A C5    1 
ATOM   70  C C6    . DG  A 1 4 ? -3.568  0.658  -0.250  1.00 17.03 ? 4  DG  A C6    1 
ATOM   71  O O6    . DG  A 1 4 ? -3.615  1.733  -0.856  1.00 19.99 ? 4  DG  A O6    1 
ATOM   72  N N1    . DG  A 1 4 ? -3.094  0.636  1.065   1.00 16.38 ? 4  DG  A N1    1 
ATOM   73  C C2    . DG  A 1 4 ? -3.002  -0.506 1.835   1.00 17.24 ? 4  DG  A C2    1 
ATOM   74  N N2    . DG  A 1 4 ? -2.513  -0.393 3.073   1.00 18.86 ? 4  DG  A N2    1 
ATOM   75  N N3    . DG  A 1 4 ? -3.370  -1.718 1.389   1.00 20.96 ? 4  DG  A N3    1 
ATOM   76  C C4    . DG  A 1 4 ? -3.829  -1.718 0.112   1.00 16.90 ? 4  DG  A C4    1 
ATOM   77  P P     . DG  A 1 5 ? -6.693  -7.355 1.464   1.00 38.61 ? 5  DG  A P     1 
ATOM   78  O OP1   . DG  A 1 5 ? -6.316  -8.752 1.789   1.00 48.26 ? 5  DG  A OP1   1 
ATOM   79  O OP2   . DG  A 1 5 ? -7.880  -7.074 0.628   1.00 37.36 ? 5  DG  A OP2   1 
ATOM   80  O "O5'" . DG  A 1 5 ? -6.732  -6.496 2.830   1.00 34.74 ? 5  DG  A "O5'" 1 
ATOM   81  C "C5'" . DG  A 1 5 ? -5.585  -6.534 3.701   1.00 31.68 ? 5  DG  A "C5'" 1 
ATOM   82  C "C4'" . DG  A 1 5 ? -5.487  -5.339 4.633   1.00 33.84 ? 5  DG  A "C4'" 1 
ATOM   83  O "O4'" . DG  A 1 5 ? -5.223  -4.137 3.915   1.00 30.56 ? 5  DG  A "O4'" 1 
ATOM   84  C "C3'" . DG  A 1 5 ? -6.803  -5.112 5.372   1.00 36.92 ? 5  DG  A "C3'" 1 
ATOM   85  O "O3'" . DG  A 1 5 ? -6.420  -4.754 6.693   1.00 43.88 ? 5  DG  A "O3'" 1 
ATOM   86  C "C2'" . DG  A 1 5 ? -7.428  -3.950 4.616   1.00 30.99 ? 5  DG  A "C2'" 1 
ATOM   87  C "C1'" . DG  A 1 5 ? -6.228  -3.154 4.222   1.00 25.83 ? 5  DG  A "C1'" 1 
ATOM   88  N N9    . DG  A 1 5 ? -6.507  -2.278 3.078   1.00 19.51 ? 5  DG  A N9    1 
ATOM   89  C C8    . DG  A 1 5 ? -6.996  -2.561 1.837   1.00 17.28 ? 5  DG  A C8    1 
ATOM   90  N N7    . DG  A 1 5 ? -7.109  -1.503 1.070   1.00 19.56 ? 5  DG  A N7    1 
ATOM   91  C C5    . DG  A 1 5 ? -6.655  -0.454 1.872   1.00 16.85 ? 5  DG  A C5    1 
ATOM   92  C C6    . DG  A 1 5 ? -6.510  0.929  1.585   1.00 19.37 ? 5  DG  A C6    1 
ATOM   93  O O6    . DG  A 1 5 ? -6.761  1.523  0.531   1.00 24.66 ? 5  DG  A O6    1 
ATOM   94  N N1    . DG  A 1 5 ? -5.987  1.632  2.668   1.00 19.73 ? 5  DG  A N1    1 
ATOM   95  C C2    . DG  A 1 5 ? -5.643  1.075  3.888   1.00 24.31 ? 5  DG  A C2    1 
ATOM   96  N N2    . DG  A 1 5 ? -5.183  1.882  4.855   1.00 25.02 ? 5  DG  A N2    1 
ATOM   97  N N3    . DG  A 1 5 ? -5.783  -0.235 4.146   1.00 19.96 ? 5  DG  A N3    1 
ATOM   98  C C4    . DG  A 1 5 ? -6.289  -0.927 3.095   1.00 15.76 ? 5  DG  A C4    1 
ATOM   99  P P     . DG  A 1 6 ? -7.473  -4.394 7.837   1.00 47.07 ? 6  DG  A P     1 
ATOM   100 O OP1   . DG  A 1 6 ? -6.935  -4.962 9.097   1.00 47.96 ? 6  DG  A OP1   1 
ATOM   101 O OP2   . DG  A 1 6 ? -8.861  -4.708 7.391   1.00 44.56 ? 6  DG  A OP2   1 
ATOM   102 O "O5'" . DG  A 1 6 ? -7.304  -2.807 7.877   1.00 42.07 ? 6  DG  A "O5'" 1 
ATOM   103 C "C5'" . DG  A 1 6 ? -6.285  -2.228 8.673   1.00 34.00 ? 6  DG  A "C5'" 1 
ATOM   104 C "C4'" . DG  A 1 6 ? -6.664  -0.820 9.033   1.00 32.12 ? 6  DG  A "C4'" 1 
ATOM   105 O "O4'" . DG  A 1 6 ? -6.875  -0.085 7.820   1.00 31.83 ? 6  DG  A "O4'" 1 
ATOM   106 C "C3'" . DG  A 1 6 ? -7.951  -0.748 9.842   1.00 31.10 ? 6  DG  A "C3'" 1 
ATOM   107 O "O3'" . DG  A 1 6 ? -7.781  0.304  10.778  1.00 34.11 ? 6  DG  A "O3'" 1 
ATOM   108 C "C2'" . DG  A 1 6 ? -8.951  -0.371 8.755   1.00 30.74 ? 6  DG  A "C2'" 1 
ATOM   109 C "C1'" . DG  A 1 6 ? -8.154  0.559  7.849   1.00 30.65 ? 6  DG  A "C1'" 1 
ATOM   110 N N9    . DG  A 1 6 ? -8.655  0.676  6.462   1.00 22.44 ? 6  DG  A N9    1 
ATOM   111 C C8    . DG  A 1 6 ? -9.156  -0.305 5.639   1.00 23.47 ? 6  DG  A C8    1 
ATOM   112 N N7    . DG  A 1 6 ? -9.440  0.133  4.431   1.00 24.46 ? 6  DG  A N7    1 
ATOM   113 C C5    . DG  A 1 6 ? -9.115  1.489  4.456   1.00 16.59 ? 6  DG  A C5    1 
ATOM   114 C C6    . DG  A 1 6 ? -9.195  2.457  3.432   1.00 17.09 ? 6  DG  A C6    1 
ATOM   115 O O6    . DG  A 1 6 ? -9.562  2.339  2.262   1.00 18.63 ? 6  DG  A O6    1 
ATOM   116 N N1    . DG  A 1 6 ? -8.768  3.695  3.851   1.00 16.75 ? 6  DG  A N1    1 
ATOM   117 C C2    . DG  A 1 6 ? -8.306  3.983  5.114   1.00 20.93 ? 6  DG  A C2    1 
ATOM   118 N N2    . DG  A 1 6 ? -7.955  5.261  5.371   1.00 18.46 ? 6  DG  A N2    1 
ATOM   119 N N3    . DG  A 1 6 ? -8.222  3.047  6.081   1.00 20.47 ? 6  DG  A N3    1 
ATOM   120 C C4    . DG  A 1 6 ? -8.641  1.827  5.691   1.00 18.19 ? 6  DG  A C4    1 
ATOM   121 O "O5'" . DC  B 1 1 ? -8.099  10.162 -1.713  1.00 25.96 ? 7  DC  B "O5'" 1 
ATOM   122 C "C5'" . DC  B 1 1 ? -8.171  11.415 -0.982  1.00 21.33 ? 7  DC  B "C5'" 1 
ATOM   123 C "C4'" . DC  B 1 1 ? -8.224  11.224 0.545   1.00 21.58 ? 7  DC  B "C4'" 1 
ATOM   124 O "O4'" . DC  B 1 1 ? -9.256  10.272 0.861   1.00 21.64 ? 7  DC  B "O4'" 1 
ATOM   125 C "C3'" . DC  B 1 1 ? -6.955  10.643 1.147   1.00 24.47 ? 7  DC  B "C3'" 1 
ATOM   126 O "O3'" . DC  B 1 1 ? -6.095  11.727 1.518   1.00 26.85 ? 7  DC  B "O3'" 1 
ATOM   127 C "C2'" . DC  B 1 1 ? -7.485  9.895  2.374   1.00 18.97 ? 7  DC  B "C2'" 1 
ATOM   128 C "C1'" . DC  B 1 1 ? -8.840  9.404  1.948   1.00 16.31 ? 7  DC  B "C1'" 1 
ATOM   129 N N1    . DC  B 1 1 ? -8.877  8.004  1.459   1.00 13.94 ? 7  DC  B N1    1 
ATOM   130 C C2    . DC  B 1 1 ? -8.814  7.000  2.372   1.00 13.05 ? 7  DC  B C2    1 
ATOM   131 O O2    . DC  B 1 1 ? -8.648  7.198  3.570   1.00 18.91 ? 7  DC  B O2    1 
ATOM   132 N N3    . DC  B 1 1 ? -8.962  5.730  1.932   1.00 14.85 ? 7  DC  B N3    1 
ATOM   133 C C4    . DC  B 1 1 ? -9.166  5.436  0.643   1.00 15.39 ? 7  DC  B C4    1 
ATOM   134 N N4    . DC  B 1 1 ? -9.325  4.166  0.267   1.00 19.10 ? 7  DC  B N4    1 
ATOM   135 C C5    . DC  B 1 1 ? -9.226  6.471  -0.334  1.00 15.09 ? 7  DC  B C5    1 
ATOM   136 C C6    . DC  B 1 1 ? -9.072  7.726  0.121   1.00 12.48 ? 7  DC  B C6    1 
ATOM   137 P P     . DC  B 1 2 ? -4.517  11.517 1.507   1.00 27.04 ? 8  DC  B P     1 
ATOM   138 O OP1   . DC  B 1 2 ? -3.901  12.759 2.018   1.00 32.09 ? 8  DC  B OP1   1 
ATOM   139 O OP2   . DC  B 1 2 ? -4.149  10.983 0.165   1.00 26.38 ? 8  DC  B OP2   1 
ATOM   140 O "O5'" . DC  B 1 2 ? -4.246  10.376 2.578   1.00 24.74 ? 8  DC  B "O5'" 1 
ATOM   141 C "C5'" . DC  B 1 2 ? -4.272  10.636 3.969   1.00 22.74 ? 8  DC  B "C5'" 1 
ATOM   142 C "C4'" . DC  B 1 2 ? -4.118  9.350  4.747   1.00 25.69 ? 8  DC  B "C4'" 1 
ATOM   143 O "O4'" . DC  B 1 2 ? -5.096  8.429  4.319   1.00 26.32 ? 8  DC  B "O4'" 1 
ATOM   144 C "C3'" . DC  B 1 2 ? -2.833  8.660  4.413   1.00 29.81 ? 8  DC  B "C3'" 1 
ATOM   145 O "O3'" . DC  B 1 2 ? -1.816  9.205  5.249   1.00 37.75 ? 8  DC  B "O3'" 1 
ATOM   146 C "C2'" . DC  B 1 2 ? -3.138  7.222  4.731   1.00 26.14 ? 8  DC  B "C2'" 1 
ATOM   147 C "C1'" . DC  B 1 2 ? -4.580  7.092  4.414   1.00 23.32 ? 8  DC  B "C1'" 1 
ATOM   148 N N1    . DC  B 1 2 ? -4.886  6.372  3.154   1.00 21.74 ? 8  DC  B N1    1 
ATOM   149 C C2    . DC  B 1 2 ? -5.122  5.008  3.245   1.00 18.12 ? 8  DC  B C2    1 
ATOM   150 O O2    . DC  B 1 2 ? -4.947  4.378  4.283   1.00 18.49 ? 8  DC  B O2    1 
ATOM   151 N N3    . DC  B 1 2 ? -5.539  4.356  2.134   1.00 19.21 ? 8  DC  B N3    1 
ATOM   152 C C4    . DC  B 1 2 ? -5.713  5.000  0.972   1.00 16.81 ? 8  DC  B C4    1 
ATOM   153 N N4    . DC  B 1 2 ? -6.132  4.308  -0.088  1.00 21.24 ? 8  DC  B N4    1 
ATOM   154 C C5    . DC  B 1 2 ? -5.463  6.401  0.851   1.00 17.92 ? 8  DC  B C5    1 
ATOM   155 C C6    . DC  B 1 2 ? -5.050  7.045  1.964   1.00 18.00 ? 8  DC  B C6    1 
ATOM   156 P P     . DC  B 1 3 ? -0.292  9.271  4.757   1.00 39.37 ? 9  DC  B P     1 
ATOM   157 O OP1   . DC  B 1 3 ? 0.451   10.158 5.691   1.00 44.25 ? 9  DC  B OP1   1 
ATOM   158 O OP2   . DC  B 1 3 ? -0.303  9.537  3.287   1.00 37.67 ? 9  DC  B OP2   1 
ATOM   159 O "O5'" . DC  B 1 3 ? 0.131   7.736  5.046   1.00 39.47 ? 9  DC  B "O5'" 1 
ATOM   160 C "C5'" . DC  B 1 3 ? 0.321   7.226  6.377   1.00 35.01 ? 9  DC  B "C5'" 1 
ATOM   161 C "C4'" . DC  B 1 3 ? 0.467   5.710  6.342   1.00 30.23 ? 9  DC  B "C4'" 1 
ATOM   162 O "O4'" . DC  B 1 3 ? -0.663  5.103  5.757   1.00 27.16 ? 9  DC  B "O4'" 1 
ATOM   163 C "C3'" . DC  B 1 3 ? 1.608   5.337  5.444   1.00 33.67 ? 9  DC  B "C3'" 1 
ATOM   164 O "O3'" . DC  B 1 3 ? 2.755   5.283  6.278   1.00 47.20 ? 9  DC  B "O3'" 1 
ATOM   165 C "C2'" . DC  B 1 3 ? 1.228   3.992  4.903   1.00 28.01 ? 9  DC  B "C2'" 1 
ATOM   166 C "C1'" . DC  B 1 3 ? -0.255  3.989  4.930   1.00 23.19 ? 9  DC  B "C1'" 1 
ATOM   167 N N1    . DC  B 1 3 ? -0.833  4.095  3.557   1.00 18.57 ? 9  DC  B N1    1 
ATOM   168 C C2    . DC  B 1 3 ? -1.414  2.974  3.029   1.00 17.90 ? 9  DC  B C2    1 
ATOM   169 O O2    . DC  B 1 3 ? -1.435  1.904  3.617   1.00 23.00 ? 9  DC  B O2    1 
ATOM   170 N N3    . DC  B 1 3 ? -2.007  3.057  1.829   1.00 14.92 ? 9  DC  B N3    1 
ATOM   171 C C4    . DC  B 1 3 ? -2.039  4.192  1.162   1.00 12.51 ? 9  DC  B C4    1 
ATOM   172 N N4    . DC  B 1 3 ? -2.649  4.200  -0.019  1.00 13.16 ? 9  DC  B N4    1 
ATOM   173 C C5    . DC  B 1 3 ? -1.454  5.371  1.668   1.00 6.76  ? 9  DC  B C5    1 
ATOM   174 C C6    . DC  B 1 3 ? -0.861  5.271  2.871   1.00 13.15 ? 9  DC  B C6    1 
ATOM   175 P P     . DG  B 1 4 ? 4.263   5.268  5.715   1.00 53.62 ? 10 DG  B P     1 
ATOM   176 O OP1   . DG  B 1 4 ? 5.150   5.689  6.834   1.00 58.52 ? 10 DG  B OP1   1 
ATOM   177 O OP2   . DG  B 1 4 ? 4.310   5.981  4.406   1.00 47.09 ? 10 DG  B OP2   1 
ATOM   178 O "O5'" . DG  B 1 4 ? 4.504   3.727  5.442   1.00 48.09 ? 10 DG  B "O5'" 1 
ATOM   179 C "C5'" . DG  B 1 4 ? 4.436   2.745  6.456   1.00 40.90 ? 10 DG  B "C5'" 1 
ATOM   180 C "C4'" . DG  B 1 4 ? 4.581   1.435  5.731   1.00 43.05 ? 10 DG  B "C4'" 1 
ATOM   181 O "O4'" . DG  B 1 4 ? 3.656   1.428  4.650   1.00 44.44 ? 10 DG  B "O4'" 1 
ATOM   182 C "C3'" . DG  B 1 4 ? 5.912   1.314  5.021   1.00 42.79 ? 10 DG  B "C3'" 1 
ATOM   183 O "O3'" . DG  B 1 4 ? 6.843   0.837  5.984   1.00 50.04 ? 10 DG  B "O3'" 1 
ATOM   184 C "C2'" . DG  B 1 4 ? 5.569   0.287  3.980   1.00 40.97 ? 10 DG  B "C2'" 1 
ATOM   185 C "C1'" . DG  B 1 4 ? 4.164   0.570  3.622   1.00 38.10 ? 10 DG  B "C1'" 1 
ATOM   186 N N9    . DG  B 1 4 ? 4.108   1.165  2.267   1.00 30.35 ? 10 DG  B N9    1 
ATOM   187 C C8    . DG  B 1 4 ? 4.171   2.464  1.794   1.00 26.10 ? 10 DG  B C8    1 
ATOM   188 N N7    . DG  B 1 4 ? 3.919   2.564  0.498   1.00 27.08 ? 10 DG  B N7    1 
ATOM   189 C C5    . DG  B 1 4 ? 3.678   1.252  0.095   1.00 24.56 ? 10 DG  B C5    1 
ATOM   190 C C6    . DG  B 1 4 ? 3.336   0.720  -1.178  1.00 23.17 ? 10 DG  B C6    1 
ATOM   191 O O6    . DG  B 1 4 ? 3.104   1.320  -2.234  1.00 24.14 ? 10 DG  B O6    1 
ATOM   192 N N1    . DG  B 1 4 ? 3.208   -0.672 -1.126  1.00 21.78 ? 10 DG  B N1    1 
ATOM   193 C C2    . DG  B 1 4 ? 3.383   -1.465 0.002   1.00 23.25 ? 10 DG  B C2    1 
ATOM   194 N N2    . DG  B 1 4 ? 3.311   -2.798 -0.119  1.00 17.76 ? 10 DG  B N2    1 
ATOM   195 N N3    . DG  B 1 4 ? 3.683   -0.949 1.195   1.00 24.42 ? 10 DG  B N3    1 
ATOM   196 C C4    . DG  B 1 4 ? 3.812   0.401  1.168   1.00 27.98 ? 10 DG  B C4    1 
ATOM   197 P P     . DG  B 1 5 ? 8.353   0.413  5.651   1.00 51.93 ? 11 DG  B P     1 
ATOM   198 O OP1   . DG  B 1 5 ? 9.009   0.197  6.953   1.00 58.11 ? 11 DG  B OP1   1 
ATOM   199 O OP2   . DG  B 1 5 ? 8.942   1.402  4.703   1.00 53.71 ? 11 DG  B OP2   1 
ATOM   200 O "O5'" . DG  B 1 5 ? 8.210   -1.018 4.926   1.00 49.69 ? 11 DG  B "O5'" 1 
ATOM   201 C "C5'" . DG  B 1 5 ? 7.650   -2.168 5.566   1.00 45.32 ? 11 DG  B "C5'" 1 
ATOM   202 C "C4'" . DG  B 1 5 ? 7.637   -3.425 4.657   1.00 46.65 ? 11 DG  B "C4'" 1 
ATOM   203 O "O4'" . DG  B 1 5 ? 6.851   -3.233 3.457   1.00 45.62 ? 11 DG  B "O4'" 1 
ATOM   204 C "C3'" . DG  B 1 5 ? 9.058   -3.776 4.179   1.00 46.64 ? 11 DG  B "C3'" 1 
ATOM   205 O "O3'" . DG  B 1 5 ? 9.060   -5.176 3.927   1.00 53.35 ? 11 DG  B "O3'" 1 
ATOM   206 C "C2'" . DG  B 1 5 ? 9.117   -3.023 2.873   1.00 39.54 ? 11 DG  B "C2'" 1 
ATOM   207 C "C1'" . DG  B 1 5 ? 7.716   -3.217 2.303   1.00 34.32 ? 11 DG  B "C1'" 1 
ATOM   208 N N9    . DG  B 1 5 ? 7.435   -2.101 1.393   1.00 24.68 ? 11 DG  B N9    1 
ATOM   209 C C8    . DG  B 1 5 ? 7.703   -0.772 1.543   1.00 20.44 ? 11 DG  B C8    1 
ATOM   210 N N7    . DG  B 1 5 ? 7.374   -0.043 0.506   1.00 22.42 ? 11 DG  B N7    1 
ATOM   211 C C5    . DG  B 1 5 ? 6.844   -0.972 -0.394  1.00 18.13 ? 11 DG  B C5    1 
ATOM   212 C C6    . DG  B 1 5 ? 6.401   -0.800 -1.722  1.00 18.17 ? 11 DG  B C6    1 
ATOM   213 O O6    . DG  B 1 5 ? 6.314   0.247  -2.367  1.00 20.23 ? 11 DG  B O6    1 
ATOM   214 N N1    . DG  B 1 5 ? 6.041   -2.016 -2.305  1.00 18.71 ? 11 DG  B N1    1 
ATOM   215 C C2    . DG  B 1 5 ? 6.105   -3.252 -1.676  1.00 17.29 ? 11 DG  B C2    1 
ATOM   216 N N2    . DG  B 1 5 ? 5.718   -4.328 -2.358  1.00 19.23 ? 11 DG  B N2    1 
ATOM   217 N N3    . DG  B 1 5 ? 6.530   -3.390 -0.432  1.00 16.86 ? 11 DG  B N3    1 
ATOM   218 C C4    . DG  B 1 5 ? 6.879   -2.226 0.146   1.00 18.73 ? 11 DG  B C4    1 
ATOM   219 P P     . DG  B 1 6 ? 10.330  -6.069 3.503   1.00 59.06 ? 12 DG  B P     1 
ATOM   220 O OP1   . DG  B 1 6 ? 10.744  -6.816 4.711   1.00 62.32 ? 12 DG  B OP1   1 
ATOM   221 O OP2   . DG  B 1 6 ? 11.336  -5.248 2.761   1.00 51.52 ? 12 DG  B OP2   1 
ATOM   222 O "O5'" . DG  B 1 6 ? 9.624   -7.122 2.508   1.00 52.78 ? 12 DG  B "O5'" 1 
ATOM   223 C "C5'" . DG  B 1 6 ? 8.930   -6.537 1.432   1.00 42.93 ? 12 DG  B "C5'" 1 
ATOM   224 C "C4'" . DG  B 1 6 ? 8.779   -7.447 0.273   1.00 36.91 ? 12 DG  B "C4'" 1 
ATOM   225 O "O4'" . DG  B 1 6 ? 8.398   -6.570 -0.807  1.00 34.57 ? 12 DG  B "O4'" 1 
ATOM   226 C "C3'" . DG  B 1 6 ? 10.060  -8.108 -0.188  1.00 35.42 ? 12 DG  B "C3'" 1 
ATOM   227 O "O3'" . DG  B 1 6 ? 9.724   -9.204 -1.061  1.00 37.70 ? 12 DG  B "O3'" 1 
ATOM   228 C "C2'" . DG  B 1 6 ? 10.687  -6.941 -0.933  1.00 34.20 ? 12 DG  B "C2'" 1 
ATOM   229 C "C1'" . DG  B 1 6 ? 9.541   -6.242 -1.624  1.00 27.63 ? 12 DG  B "C1'" 1 
ATOM   230 N N9    . DG  B 1 6 ? 9.720   -4.772 -1.702  1.00 19.25 ? 12 DG  B N9    1 
ATOM   231 C C8    . DG  B 1 6 ? 10.177  -3.863 -0.773  1.00 13.43 ? 12 DG  B C8    1 
ATOM   232 N N7    . DG  B 1 6 ? 10.155  -2.621 -1.207  1.00 19.33 ? 12 DG  B N7    1 
ATOM   233 C C5    . DG  B 1 6 ? 9.650   -2.714 -2.507  1.00 16.60 ? 12 DG  B C5    1 
ATOM   234 C C6    . DG  B 1 6 ? 9.410   -1.712 -3.477  1.00 15.47 ? 12 DG  B C6    1 
ATOM   235 O O6    . DG  B 1 6 ? 9.562   -0.504 -3.390  1.00 20.28 ? 12 DG  B O6    1 
ATOM   236 N N1    . DG  B 1 6 ? 8.928   -2.222 -4.659  1.00 17.13 ? 12 DG  B N1    1 
ATOM   237 C C2    . DG  B 1 6 ? 8.691   -3.555 -4.900  1.00 19.24 ? 12 DG  B C2    1 
ATOM   238 N N2    . DG  B 1 6 ? 8.214   -3.922 -6.094  1.00 20.26 ? 12 DG  B N2    1 
ATOM   239 N N3    . DG  B 1 6 ? 8.913   -4.498 -3.984  1.00 21.51 ? 12 DG  B N3    1 
ATOM   240 C C4    . DG  B 1 6 ? 9.391   -4.016 -2.814  1.00 19.20 ? 12 DG  B C4    1 
HETATM 241 C C1    . NGM C 2 . ? -1.235  0.789  -3.133  1.00 16.84 ? 13 NGM A C1    1 
HETATM 242 C C2    . NGM C 2 . ? -1.097  2.171  -3.346  1.00 15.29 ? 13 NGM A C2    1 
HETATM 243 C C3    . NGM C 2 . ? -0.494  2.927  -2.424  1.00 13.45 ? 13 NGM A C3    1 
HETATM 244 C C4    . NGM C 2 . ? -0.065  2.404  -1.272  1.00 11.48 ? 13 NGM A C4    1 
HETATM 245 C C5    . NGM C 2 . ? 0.211   0.501  0.289   1.00 15.96 ? 13 NGM A C5    1 
HETATM 246 C C6    . NGM C 2 . ? 0.336   -1.403 1.914   1.00 19.87 ? 13 NGM A C6    1 
HETATM 247 C C7    . NGM C 2 . ? 0.445   -3.380 3.500   1.00 24.13 ? 13 NGM A C7    1 
HETATM 248 C C8    . NGM C 2 . ? 0.396   -4.906 3.590   1.00 27.50 ? 13 NGM A C8    1 
HETATM 249 C C9    . NGM C 2 . ? -0.646  -5.546 2.655   1.00 31.32 ? 13 NGM A C9    1 
HETATM 250 C C10   . NGM C 2 . ? -0.315  -5.092 1.194   1.00 28.71 ? 13 NGM A C10   1 
HETATM 251 C C11   . NGM C 2 . ? -0.514  -3.064 -0.164  1.00 18.52 ? 13 NGM A C11   1 
HETATM 252 C C12   . NGM C 2 . ? -0.804  -1.236 -1.711  1.00 13.83 ? 13 NGM A C12   1 
HETATM 253 C C13   . NGM C 2 . ? -2.104  -5.196 3.038   1.00 30.72 ? 13 NGM A C13   1 
HETATM 254 C C14   . NGM C 2 . ? 0.860   -5.748 0.595   1.00 28.68 ? 13 NGM A C14   1 
HETATM 255 C C15   . NGM C 2 . ? 1.760   -7.144 -1.134  1.00 31.35 ? 13 NGM A C15   1 
HETATM 256 C C16   . NGM C 2 . ? -0.723  0.156  -1.925  1.00 10.53 ? 13 NGM A C16   1 
HETATM 257 C C17   . NGM C 2 . ? -0.172  0.990  -0.971  1.00 10.31 ? 13 NGM A C17   1 
HETATM 258 C C18   . NGM C 2 . ? 0.062   -0.853 0.592   1.00 13.58 ? 13 NGM A C18   1 
HETATM 259 C C19   . NGM C 2 . ? 0.162   -2.776 2.143   1.00 20.01 ? 13 NGM A C19   1 
HETATM 260 C C20   . NGM C 2 . ? -0.233  -3.581 1.055   1.00 22.61 ? 13 NGM A C20   1 
HETATM 261 C C21   . NGM C 2 . ? -0.408  -1.745 -0.433  1.00 15.38 ? 13 NGM A C21   1 
HETATM 262 C C22   . NGM C 2 . ? -0.644  3.784  -5.183  1.00 20.00 ? 13 NGM A C22   1 
HETATM 263 C C23   . NGM C 2 . ? -6.124  2.012  -2.932  1.00 10.99 ? 13 NGM A C23   1 
HETATM 264 C C24   . NGM C 2 . ? -6.254  3.155  -4.987  1.00 10.47 ? 13 NGM A C24   1 
HETATM 265 C C25   . NGM C 2 . ? -0.377  -5.406 7.703   1.00 31.19 ? 13 NGM A C25   1 
HETATM 266 C C26   . NGM C 2 . ? -3.427  -4.524 9.094   1.00 32.79 ? 13 NGM A C26   1 
HETATM 267 C C27   . NGM C 2 . ? -3.413  0.099  7.204   1.00 28.93 ? 13 NGM A C27   1 
HETATM 268 C C28   . NGM C 2 . ? -3.334  -2.613 5.915   1.00 29.39 ? 13 NGM A C28   1 
HETATM 269 C C29   . NGM C 2 . ? 0.486   0.569  6.682   1.00 23.74 ? 13 NGM A C29   1 
HETATM 270 C C30   . NGM C 2 . ? -2.482  0.595  -5.209  1.00 17.74 ? 13 NGM A C30   1 
HETATM 271 C C31   . NGM C 2 . ? -3.869  0.938  -4.735  1.00 16.52 ? 13 NGM A C31   1 
HETATM 272 C C32   . NGM C 2 . ? -4.204  2.427  -4.460  1.00 17.70 ? 13 NGM A C32   1 
HETATM 273 C C33   . NGM C 2 . ? -3.017  3.420  -4.477  1.00 18.27 ? 13 NGM A C33   1 
HETATM 274 C C34   . NGM C 2 . ? -1.618  2.743  -4.604  1.00 18.17 ? 13 NGM A C34   1 
HETATM 275 C "C1'" . NGM C 2 . ? 0.046   -2.311 5.647   1.00 30.44 ? 13 NGM A "C1'" 1 
HETATM 276 C "C2'" . NGM C 2 . ? -1.032  -1.330 6.103   1.00 28.75 ? 13 NGM A "C2'" 1 
HETATM 277 C "C3'" . NGM C 2 . ? -2.267  -2.005 6.838   1.00 31.95 ? 13 NGM A "C3'" 1 
HETATM 278 C "C4'" . NGM C 2 . ? -1.848  -3.217 7.701   1.00 31.88 ? 13 NGM A "C4'" 1 
HETATM 279 C "C5'" . NGM C 2 . ? -0.795  -4.113 7.035   1.00 32.98 ? 13 NGM A "C5'" 1 
HETATM 280 N N1    . NGM C 2 . ? -5.391  2.901  -3.840  1.00 17.43 ? 13 NGM A N1    1 
HETATM 281 O O1    . NGM C 2 . ? -1.815  0.011  -4.083  1.00 19.68 ? 13 NGM A O1    1 
HETATM 282 O O2    . NGM C 2 . ? -1.726  1.753  -5.610  1.00 19.08 ? 13 NGM A O2    1 
HETATM 283 O O4    . NGM C 2 . ? 0.462   3.251  -0.410  1.00 8.24  ? 13 NGM A O4    1 
HETATM 284 O O5    . NGM C 2 . ? 0.660   1.274  1.143   1.00 15.90 ? 13 NGM A O5    1 
HETATM 285 O O6    . NGM C 2 . ? 0.763   -0.584 2.879   1.00 20.39 ? 13 NGM A O6    1 
HETATM 286 O O7    . NGM C 2 . ? -0.480  -2.887 4.441   1.00 29.93 ? 13 NGM A O7    1 
HETATM 287 O O9    . NGM C 2 . ? -0.562  -6.938 2.824   1.00 36.26 ? 13 NGM A O9    1 
HETATM 288 O O10   . NGM C 2 . ? 0.628   -6.487 -0.506  1.00 29.06 ? 13 NGM A O10   1 
HETATM 289 O O14   . NGM C 2 . ? 2.017   -5.462 0.943   1.00 30.07 ? 13 NGM A O14   1 
HETATM 290 O O12   . NGM C 2 . ? -1.232  -2.002 -2.584  1.00 15.65 ? 13 NGM A O12   1 
HETATM 291 O O15   . NGM C 2 . ? -4.773  -0.156 -4.650  1.00 24.11 ? 13 NGM A O15   1 
HETATM 292 O O16   . NGM C 2 . ? -3.030  4.497  -3.542  1.00 21.18 ? 13 NGM A O16   1 
HETATM 293 O "O1'" . NGM C 2 . ? 0.330   -3.321 6.632   1.00 31.54 ? 13 NGM A "O1'" 1 
HETATM 294 O "O2'" . NGM C 2 . ? -0.296  -0.583 7.091   1.00 27.92 ? 13 NGM A "O2'" 1 
HETATM 295 O "O3'" . NGM C 2 . ? -2.814  -1.110 7.759   1.00 27.66 ? 13 NGM A "O3'" 1 
HETATM 296 O "O4'" . NGM C 2 . ? -2.439  -3.455 8.998   1.00 30.69 ? 13 NGM A "O4'" 1 
HETATM 297 O O     . HOH D 3 . ? 2.322   3.561  -7.957  1.00 31.98 ? 14 HOH A O     1 
HETATM 298 O O     . HOH D 3 . ? 0.967   6.481  -1.544  1.00 24.16 ? 17 HOH A O     1 
HETATM 299 O O     . HOH D 3 . ? -6.225  -3.344 -4.456  1.00 52.75 ? 20 HOH A O     1 
HETATM 300 O O     . HOH D 3 . ? 4.749   -6.615 -5.048  1.00 56.94 ? 21 HOH A O     1 
HETATM 301 O O     . HOH D 3 . ? -8.728  1.085  -1.268  1.00 43.25 ? 22 HOH A O     1 
HETATM 302 O O     . HOH D 3 . ? 3.600   2.657  -10.294 1.00 27.55 ? 23 HOH A O     1 
HETATM 303 O O     . HOH D 3 . ? 0.900   -0.565 -9.235  1.00 25.38 ? 24 HOH A O     1 
HETATM 304 O O     . HOH D 3 . ? 4.596   3.276  -6.243  1.00 31.98 ? 26 HOH A O     1 
HETATM 305 O O     . HOH D 3 . ? -2.623  -2.795 -5.084  1.00 19.41 ? 30 HOH A O     1 
HETATM 306 O O     . HOH D 3 . ? -2.123  -2.048 -7.707  1.00 22.48 ? 31 HOH A O     1 
HETATM 307 O O     . HOH D 3 . ? 0.168   -5.214 -12.750 1.00 12.41 ? 33 HOH A O     1 
HETATM 308 O O     . HOH D 3 . ? -6.762  3.039  11.046  1.00 57.82 ? 34 HOH A O     1 
HETATM 309 O O     . HOH D 3 . ? -3.144  -7.640 5.957   1.00 55.04 ? 38 HOH A O     1 
HETATM 310 O O     . HOH D 3 . ? -8.339  5.562  11.366  1.00 48.21 ? 39 HOH A O     1 
HETATM 311 O O     . HOH D 3 . ? -10.866 -1.383 2.364   1.00 39.89 ? 40 HOH A O     1 
HETATM 312 O O     . HOH D 3 . ? -6.219  5.130  -2.778  1.00 13.09 ? 41 HOH A O     1 
HETATM 313 O O     . HOH D 3 . ? -7.951  1.763  13.398  1.00 54.69 ? 44 HOH A O     1 
HETATM 314 O O     . HOH D 3 . ? -1.608  0.740  9.939   1.00 49.22 ? 45 HOH A O     1 
HETATM 315 O O     . HOH D 3 . ? -3.635  -5.965 -9.677  1.00 49.06 ? 48 HOH A O     1 
HETATM 316 O O     . HOH D 3 . ? -4.102  -4.975 -12.336 1.00 45.96 ? 49 HOH A O     1 
HETATM 317 O O     . HOH D 3 . ? -8.185  -1.797 -1.589  1.00 53.78 ? 50 HOH A O     1 
HETATM 318 O O     . HOH D 3 . ? 8.706   -4.248 -9.873  1.00 54.20 ? 51 HOH A O     1 
HETATM 319 O O     . HOH D 3 . ? 6.127   5.411  -10.158 1.00 40.76 ? 52 HOH A O     1 
HETATM 320 O O     . HOH D 3 . ? 0.932   1.219  -7.082  1.00 25.14 ? 53 HOH A O     1 
HETATM 321 O O     . HOH D 3 . ? -4.685  -2.460 -9.069  1.00 49.59 ? 54 HOH A O     1 
HETATM 322 O O     . HOH D 3 . ? -6.395  3.491  8.135   1.00 52.71 ? 55 HOH A O     1 
HETATM 323 O O     . HOH D 3 . ? 7.030   4.743  -4.946  1.00 59.89 ? 56 HOH A O     1 
HETATM 324 O O     . HOH D 3 . ? 1.723   7.178  1.405   1.00 59.29 ? 59 HOH A O     1 
HETATM 325 O O     . HOH E 3 . ? -2.563  6.762  -1.356  1.00 10.48 ? 15 HOH B O     1 
HETATM 326 O O     . HOH E 3 . ? 5.041   8.640  6.120   1.00 53.00 ? 16 HOH B O     1 
HETATM 327 O O     . HOH E 3 . ? -3.202  4.170  7.344   1.00 44.75 ? 18 HOH B O     1 
HETATM 328 O O     . HOH E 3 . ? 11.358  2.189  -2.794  1.00 46.55 ? 19 HOH B O     1 
HETATM 329 O O     . HOH E 3 . ? 8.661   3.145  -1.238  1.00 58.68 ? 25 HOH B O     1 
HETATM 330 O O     . HOH E 3 . ? -2.102  8.918  0.816   1.00 34.24 ? 27 HOH B O     1 
HETATM 331 O O     . HOH E 3 . ? 14.162  -5.214 0.899   1.00 21.88 ? 28 HOH B O     1 
HETATM 332 O O     . HOH E 3 . ? 3.834   -3.439 2.860   1.00 55.33 ? 29 HOH B O     1 
HETATM 333 O O     . HOH E 3 . ? -5.378  9.421  -1.675  1.00 21.39 ? 32 HOH B O     1 
HETATM 334 O O     . HOH E 3 . ? 13.331  -3.221 3.213   1.00 52.07 ? 35 HOH B O     1 
HETATM 335 O O     . HOH E 3 . ? 2.234   4.126  9.012   1.00 58.89 ? 36 HOH B O     1 
HETATM 336 O O     . HOH E 3 . ? 5.332   -5.607 0.829   1.00 41.90 ? 37 HOH B O     1 
HETATM 337 O O     . HOH E 3 . ? 7.784   -7.172 -4.315  1.00 55.34 ? 42 HOH B O     1 
HETATM 338 O O     . HOH E 3 . ? -8.597  3.989  -2.464  1.00 25.68 ? 43 HOH B O     1 
HETATM 339 O O     . HOH E 3 . ? 3.137   3.745  -3.749  1.00 28.83 ? 46 HOH B O     1 
HETATM 340 O O     . HOH E 3 . ? 11.561  -0.765 0.726   1.00 25.14 ? 47 HOH B O     1 
HETATM 341 O O     . HOH E 3 . ? 4.800   4.625  -1.501  1.00 55.19 ? 57 HOH B O     1 
HETATM 342 O O     . HOH E 3 . ? 7.744   2.791  8.397   1.00 56.52 ? 58 HOH B O     1 
HETATM 343 O O     . HOH E 3 . ? 1.754   6.130  -4.457  1.00 39.50 ? 60 HOH B O     1 
# 
